data_8UPZ
#
_entry.id   8UPZ
#
_cell.length_a   48.788
_cell.length_b   54.930
_cell.length_c   75.825
_cell.angle_alpha   103.91
_cell.angle_beta   100.56
_cell.angle_gamma   108.49
#
_symmetry.space_group_name_H-M   'P 1'
#
loop_
_entity.id
_entity.type
_entity.pdbx_description
1 polymer 'Bifunctional protein PutA'
2 non-polymer 'FLAVIN-ADENINE DINUCLEOTIDE'
3 non-polymer DI(HYDROXYETHYL)ETHER
4 non-polymer '(Prop-2-ynylthio)acetic acid'
5 water water
#
_entity_poly.entity_id   1
_entity_poly.type   'polypeptide(L)'
_entity_poly.pdbx_seq_one_letter_code
;SRPQSTLRRAITAAYRRPETECLPPLVEAATQSKEIRDAAASTARKLIEALRGKHSGSGSSGSMMGEQFVTGETIREALK
RSKELEEKGFSYSYDMLGEAATTAADAERYYRDYESAIHAIGKASAGRGIYEGPGISIKLSALHPRYSRAQAARVMGELL
PRVKALALLAKNYDIGLNIDAEEADRLELSLDLLEVLCLDGDLSGWNGMGFVVQAYGKRCPFVLDFIIDLARRSGRRIMV
RLVKGAYWDAEIKRAQLDGLADFPVFTRKIHTDVSYIACAAKLLAATDVVFPQFATHNAQTLAAIYHMAGKDFHVGKYEF
QCLHGMGEPLYEEVVGRGKLDRPCRIYAPVGTHETLLAYLVRRLLENGANSSFVHRINDPKVSIDELIADPVEVVR
;
_entity_poly.pdbx_strand_id   A,B
#
# COMPACT_ATOMS: atom_id res chain seq x y z
N GLN A 4 30.52 -1.93 -22.18
CA GLN A 4 30.04 -3.26 -22.49
C GLN A 4 31.13 -4.32 -22.22
N SER A 5 30.72 -5.45 -21.65
CA SER A 5 31.66 -6.52 -21.35
C SER A 5 30.90 -7.84 -21.29
N THR A 6 31.67 -8.94 -21.27
CA THR A 6 31.06 -10.25 -21.09
C THR A 6 30.25 -10.30 -19.81
N LEU A 7 30.74 -9.68 -18.74
CA LEU A 7 29.99 -9.66 -17.49
C LEU A 7 28.72 -8.82 -17.62
N ARG A 8 28.79 -7.68 -18.32
CA ARG A 8 27.60 -6.89 -18.53
C ARG A 8 26.61 -7.61 -19.43
N ARG A 9 27.11 -8.32 -20.45
CA ARG A 9 26.21 -9.05 -21.34
C ARG A 9 25.45 -10.15 -20.61
N ALA A 10 26.08 -10.78 -19.61
CA ALA A 10 25.38 -11.81 -18.85
C ALA A 10 24.21 -11.22 -18.08
N ILE A 11 24.34 -9.97 -17.62
CA ILE A 11 23.23 -9.31 -16.93
C ILE A 11 22.08 -9.06 -17.88
N THR A 12 22.36 -8.43 -19.02
CA THR A 12 21.30 -8.10 -19.97
C THR A 12 20.59 -9.35 -20.45
N ALA A 13 21.34 -10.43 -20.71
CA ALA A 13 20.74 -11.63 -21.27
C ALA A 13 19.81 -12.32 -20.27
N ALA A 14 20.05 -12.14 -18.97
CA ALA A 14 19.25 -12.79 -17.93
C ALA A 14 17.98 -12.02 -17.61
N TYR A 15 17.81 -10.81 -18.14
CA TYR A 15 16.74 -9.90 -17.71
C TYR A 15 15.40 -10.60 -17.61
N ARG A 16 15.00 -11.28 -18.67
CA ARG A 16 13.73 -12.02 -18.71
C ARG A 16 13.95 -13.48 -19.09
N ARG A 17 15.09 -14.05 -18.72
CA ARG A 17 15.33 -15.46 -18.98
C ARG A 17 14.22 -16.29 -18.34
N PRO A 18 13.71 -17.31 -19.02
CA PRO A 18 12.63 -18.13 -18.45
C PRO A 18 12.99 -18.64 -17.07
N GLU A 19 12.01 -18.59 -16.16
CA GLU A 19 12.23 -18.96 -14.77
C GLU A 19 12.78 -20.38 -14.64
N THR A 20 12.26 -21.31 -15.45
CA THR A 20 12.74 -22.68 -15.37
C THR A 20 14.20 -22.79 -15.80
N GLU A 21 14.70 -21.89 -16.66
CA GLU A 21 16.10 -21.92 -17.04
C GLU A 21 17.01 -21.30 -15.98
N CYS A 22 16.49 -20.36 -15.19
CA CYS A 22 17.31 -19.69 -14.19
C CYS A 22 17.65 -20.62 -13.03
N LEU A 23 16.77 -21.56 -12.73
CA LEU A 23 16.82 -22.27 -11.45
C LEU A 23 17.92 -23.31 -11.30
N PRO A 24 18.20 -24.17 -12.28
CA PRO A 24 19.19 -25.24 -12.09
C PRO A 24 20.54 -24.74 -11.56
N PRO A 25 21.13 -23.68 -12.14
CA PRO A 25 22.41 -23.21 -11.58
C PRO A 25 22.29 -22.65 -10.18
N LEU A 26 21.14 -22.06 -9.82
CA LEU A 26 20.96 -21.55 -8.47
C LEU A 26 20.79 -22.69 -7.49
N VAL A 27 20.02 -23.72 -7.87
CA VAL A 27 19.85 -24.88 -7.02
C VAL A 27 21.18 -25.53 -6.71
N GLU A 28 22.04 -25.68 -7.73
CA GLU A 28 23.36 -26.26 -7.52
C GLU A 28 24.18 -25.43 -6.55
N ALA A 29 24.23 -24.11 -6.76
CA ALA A 29 25.04 -23.25 -5.92
C ALA A 29 24.48 -23.14 -4.51
N ALA A 30 23.18 -23.30 -4.35
CA ALA A 30 22.53 -23.20 -3.04
C ALA A 30 22.56 -24.51 -2.26
N THR A 31 23.06 -25.59 -2.87
CA THR A 31 23.12 -26.89 -2.22
C THR A 31 24.28 -26.91 -1.24
N GLN A 32 23.97 -27.15 0.04
CA GLN A 32 24.99 -27.22 1.08
C GLN A 32 25.28 -28.67 1.43
N SER A 33 26.47 -28.90 1.98
CA SER A 33 26.81 -30.22 2.47
C SER A 33 25.85 -30.62 3.59
N LYS A 34 25.76 -31.92 3.83
CA LYS A 34 24.91 -32.42 4.90
C LYS A 34 25.28 -31.82 6.25
N GLU A 35 26.58 -31.71 6.54
CA GLU A 35 27.00 -31.18 7.83
C GLU A 35 26.56 -29.74 8.01
N ILE A 36 26.66 -28.94 6.95
CA ILE A 36 26.20 -27.55 7.03
C ILE A 36 24.69 -27.49 7.15
N ARG A 37 23.98 -28.32 6.38
CA ARG A 37 22.52 -28.33 6.46
C ARG A 37 22.05 -28.73 7.86
N ASP A 38 22.68 -29.74 8.45
CA ASP A 38 22.29 -30.16 9.79
C ASP A 38 22.58 -29.09 10.83
N ALA A 39 23.76 -28.46 10.73
CA ALA A 39 24.09 -27.38 11.65
C ALA A 39 23.13 -26.21 11.49
N ALA A 40 22.81 -25.85 10.24
CA ALA A 40 21.88 -24.75 10.01
C ALA A 40 20.50 -25.08 10.56
N ALA A 41 20.02 -26.31 10.36
CA ALA A 41 18.72 -26.69 10.91
C ALA A 41 18.70 -26.54 12.44
N SER A 42 19.79 -26.94 13.10
CA SER A 42 19.87 -26.81 14.55
C SER A 42 19.87 -25.34 14.98
N THR A 43 20.67 -24.51 14.31
CA THR A 43 20.68 -23.09 14.63
C THR A 43 19.33 -22.44 14.35
N ALA A 44 18.72 -22.77 13.21
CA ALA A 44 17.44 -22.17 12.87
C ALA A 44 16.36 -22.57 13.87
N ARG A 45 16.38 -23.84 14.31
CA ARG A 45 15.39 -24.28 15.28
C ARG A 45 15.53 -23.50 16.59
N LYS A 46 16.77 -23.30 17.04
CA LYS A 46 17.00 -22.53 18.27
C LYS A 46 16.50 -21.11 18.12
N LEU A 47 16.77 -20.47 16.98
CA LEU A 47 16.33 -19.10 16.78
C LEU A 47 14.82 -19.02 16.75
N ILE A 48 14.16 -19.97 16.08
CA ILE A 48 12.72 -19.91 15.94
C ILE A 48 12.03 -20.21 17.26
N GLU A 49 12.57 -21.16 18.04
CA GLU A 49 12.01 -21.42 19.36
C GLU A 49 12.09 -20.18 20.25
N ALA A 50 13.19 -19.43 20.13
CA ALA A 50 13.29 -18.16 20.85
C ALA A 50 12.30 -17.14 20.31
N LEU A 51 12.18 -17.03 18.98
CA LEU A 51 11.23 -16.08 18.39
C LEU A 51 9.80 -16.36 18.83
N ARG A 52 9.40 -17.63 18.85
CA ARG A 52 8.04 -17.97 19.24
C ARG A 52 7.81 -17.87 20.75
N GLY A 53 8.88 -17.81 21.54
CA GLY A 53 8.73 -17.38 22.92
C GLY A 53 8.52 -15.88 23.05
N LYS A 54 8.97 -15.11 22.06
CA LYS A 54 8.65 -13.69 21.97
C LYS A 54 7.34 -13.56 21.19
N HIS A 55 7.06 -12.37 20.67
CA HIS A 55 5.86 -12.13 19.87
C HIS A 55 6.24 -11.24 18.69
N SER A 56 7.18 -11.76 17.88
CA SER A 56 7.75 -11.03 16.77
C SER A 56 6.82 -11.10 15.56
N GLY A 57 7.35 -10.82 14.39
CA GLY A 57 6.57 -11.02 13.19
C GLY A 57 5.49 -9.98 12.96
N SER A 58 4.61 -10.33 12.01
CA SER A 58 3.62 -9.39 11.49
C SER A 58 2.70 -8.85 12.58
N GLY A 59 2.36 -9.67 13.58
CA GLY A 59 1.50 -9.21 14.65
C GLY A 59 2.07 -8.05 15.46
N SER A 60 3.38 -7.86 15.43
CA SER A 60 4.04 -6.77 16.14
C SER A 60 4.22 -5.52 15.29
N SER A 61 3.65 -5.49 14.08
CA SER A 61 3.89 -4.38 13.15
C SER A 61 3.27 -3.06 13.60
N GLY A 62 2.43 -3.08 14.64
CA GLY A 62 1.87 -1.84 15.14
C GLY A 62 0.72 -1.33 14.31
N SER A 63 0.42 -0.05 14.48
CA SER A 63 -0.74 0.55 13.84
C SER A 63 -0.36 1.20 12.51
N MET A 64 -1.39 1.58 11.75
CA MET A 64 -1.18 2.23 10.46
C MET A 64 -0.57 3.62 10.59
N MET A 65 -0.40 4.14 11.81
CA MET A 65 0.43 5.32 12.00
C MET A 65 1.90 5.03 11.66
N GLY A 66 2.30 3.76 11.63
CA GLY A 66 3.65 3.39 11.23
C GLY A 66 4.72 3.66 12.26
N GLU A 67 4.32 3.94 13.51
CA GLU A 67 5.28 4.32 14.55
C GLU A 67 6.38 3.27 14.73
N GLN A 68 6.05 1.99 14.50
CA GLN A 68 7.02 0.93 14.73
C GLN A 68 8.19 0.97 13.76
N PHE A 69 8.03 1.60 12.61
CA PHE A 69 9.00 1.49 11.53
C PHE A 69 9.91 2.71 11.37
N VAL A 70 9.68 3.78 12.11
CA VAL A 70 10.46 5.02 12.01
CA VAL A 70 10.49 4.99 11.99
C VAL A 70 11.33 5.17 13.24
N THR A 71 12.62 5.45 13.04
CA THR A 71 13.57 5.57 14.15
C THR A 71 13.50 6.95 14.81
N GLY A 72 13.19 7.99 14.05
CA GLY A 72 13.05 9.32 14.58
C GLY A 72 12.61 10.25 13.47
N GLU A 73 12.16 11.44 13.86
CA GLU A 73 11.67 12.39 12.87
C GLU A 73 12.81 13.13 12.20
N THR A 74 13.91 13.34 12.90
CA THR A 74 15.08 14.02 12.38
C THR A 74 16.29 13.14 12.64
N ILE A 75 17.37 13.43 11.92
CA ILE A 75 18.60 12.65 12.08
C ILE A 75 19.15 12.85 13.49
N ARG A 76 19.01 14.05 14.06
CA ARG A 76 19.46 14.27 15.43
C ARG A 76 18.73 13.36 16.41
N GLU A 77 17.40 13.29 16.30
CA GLU A 77 16.62 12.39 17.15
C GLU A 77 17.00 10.94 16.95
N ALA A 78 17.21 10.53 15.69
CA ALA A 78 17.53 9.13 15.43
C ALA A 78 18.91 8.76 15.97
N LEU A 79 19.89 9.66 15.83
CA LEU A 79 21.22 9.40 16.34
C LEU A 79 21.23 9.25 17.85
N LYS A 80 20.46 10.10 18.56
CA LYS A 80 20.40 10.01 20.01
C LYS A 80 19.84 8.66 20.46
N ARG A 81 18.84 8.14 19.74
CA ARG A 81 18.17 6.90 20.11
C ARG A 81 18.95 5.66 19.71
N SER A 82 20.13 5.80 19.12
CA SER A 82 20.89 4.67 18.62
C SER A 82 21.95 4.17 19.59
N LYS A 83 22.27 4.94 20.63
CA LYS A 83 23.37 4.57 21.52
C LYS A 83 23.10 3.24 22.21
N GLU A 84 21.85 3.00 22.63
CA GLU A 84 21.54 1.79 23.38
C GLU A 84 21.86 0.53 22.58
N LEU A 85 21.34 0.43 21.35
CA LEU A 85 21.58 -0.77 20.57
C LEU A 85 23.00 -0.83 20.02
N GLU A 86 23.66 0.31 19.84
CA GLU A 86 25.04 0.29 19.36
C GLU A 86 25.99 -0.42 20.34
N GLU A 87 25.78 -0.24 21.64
CA GLU A 87 26.65 -0.95 22.58
C GLU A 87 26.29 -2.41 22.75
N LYS A 88 25.10 -2.83 22.30
CA LYS A 88 24.75 -4.25 22.27
C LYS A 88 25.36 -4.98 21.08
N GLY A 89 25.90 -4.27 20.11
CA GLY A 89 26.50 -4.89 18.94
C GLY A 89 25.82 -4.57 17.63
N PHE A 90 24.80 -3.71 17.62
CA PHE A 90 24.16 -3.27 16.39
C PHE A 90 24.88 -2.04 15.85
N SER A 91 24.79 -1.87 14.53
CA SER A 91 25.14 -0.61 13.88
C SER A 91 23.92 -0.12 13.12
N TYR A 92 24.06 1.00 12.43
CA TYR A 92 22.92 1.64 11.78
C TYR A 92 23.25 2.08 10.37
N SER A 93 22.23 2.05 9.51
CA SER A 93 22.25 2.74 8.22
C SER A 93 21.00 3.61 8.19
N TYR A 94 21.17 4.92 8.22
CA TYR A 94 20.02 5.83 8.30
C TYR A 94 19.48 6.14 6.91
N ASP A 95 18.16 6.14 6.82
CA ASP A 95 17.44 6.39 5.57
C ASP A 95 16.57 7.61 5.77
N MET A 96 16.97 8.74 5.20
CA MET A 96 16.10 9.91 5.16
C MET A 96 14.98 9.62 4.17
N LEU A 97 13.78 9.43 4.69
CA LEU A 97 12.67 8.97 3.88
C LEU A 97 12.35 9.97 2.77
N GLY A 98 11.92 9.42 1.64
CA GLY A 98 11.66 10.23 0.47
C GLY A 98 12.08 9.49 -0.77
N GLU A 99 11.26 9.56 -1.82
CA GLU A 99 11.54 8.75 -3.01
C GLU A 99 10.67 9.26 -4.14
N ALA A 100 11.01 8.82 -5.35
CA ALA A 100 10.22 9.11 -6.55
C ALA A 100 9.87 10.59 -6.65
N ALA A 101 10.90 11.44 -6.60
CA ALA A 101 10.70 12.87 -6.75
C ALA A 101 9.97 13.16 -8.06
N THR A 102 8.98 14.04 -7.99
CA THR A 102 8.22 14.43 -9.17
C THR A 102 8.52 15.84 -9.64
N THR A 103 9.21 16.64 -8.84
CA THR A 103 9.55 18.01 -9.23
C THR A 103 11.01 18.27 -8.87
N ALA A 104 11.58 19.30 -9.49
CA ALA A 104 12.94 19.70 -9.17
C ALA A 104 13.06 20.14 -7.73
N ALA A 105 12.03 20.83 -7.21
CA ALA A 105 12.04 21.25 -5.81
C ALA A 105 12.11 20.05 -4.86
N ASP A 106 11.36 18.99 -5.16
CA ASP A 106 11.39 17.82 -4.30
C ASP A 106 12.75 17.15 -4.34
N ALA A 107 13.32 17.00 -5.54
CA ALA A 107 14.63 16.38 -5.66
C ALA A 107 15.69 17.21 -4.96
N GLU A 108 15.54 18.54 -4.99
CA GLU A 108 16.48 19.41 -4.28
C GLU A 108 16.35 19.26 -2.77
N ARG A 109 15.11 19.15 -2.27
CA ARG A 109 14.90 18.96 -0.84
C ARG A 109 15.50 17.65 -0.37
N TYR A 110 15.24 16.57 -1.11
CA TYR A 110 15.81 15.27 -0.73
C TYR A 110 17.33 15.30 -0.73
N TYR A 111 17.93 15.97 -1.72
CA TYR A 111 19.39 16.12 -1.73
C TYR A 111 19.86 16.79 -0.45
N ARG A 112 19.23 17.91 -0.07
CA ARG A 112 19.64 18.62 1.14
CA ARG A 112 19.66 18.62 1.13
C ARG A 112 19.46 17.77 2.38
N ASP A 113 18.39 16.97 2.42
CA ASP A 113 18.17 16.07 3.55
C ASP A 113 19.31 15.05 3.66
N TYR A 114 19.68 14.44 2.52
CA TYR A 114 20.77 13.47 2.52
C TYR A 114 22.08 14.13 2.92
N GLU A 115 22.35 15.31 2.37
CA GLU A 115 23.58 16.02 2.66
C GLU A 115 23.68 16.34 4.15
N SER A 116 22.60 16.89 4.74
CA SER A 116 22.65 17.19 6.16
C SER A 116 22.75 15.93 7.00
N ALA A 117 22.13 14.84 6.58
CA ALA A 117 22.27 13.60 7.31
C ALA A 117 23.71 13.11 7.30
N ILE A 118 24.40 13.23 6.16
CA ILE A 118 25.79 12.76 6.10
C ILE A 118 26.66 13.54 7.07
N HIS A 119 26.48 14.85 7.13
CA HIS A 119 27.24 15.65 8.09
C HIS A 119 26.96 15.19 9.51
N ALA A 120 25.69 14.99 9.87
CA ALA A 120 25.37 14.57 11.22
C ALA A 120 25.88 13.17 11.51
N ILE A 121 25.66 12.24 10.58
CA ILE A 121 26.12 10.87 10.76
C ILE A 121 27.64 10.79 10.81
N GLY A 122 28.30 11.49 9.90
CA GLY A 122 29.76 11.48 9.87
C GLY A 122 30.37 12.07 11.11
N LYS A 123 29.79 13.14 11.64
CA LYS A 123 30.26 13.69 12.90
C LYS A 123 30.02 12.71 14.05
N ALA A 124 28.84 12.09 14.09
CA ALA A 124 28.56 11.11 15.14
C ALA A 124 29.47 9.89 15.03
N SER A 125 29.83 9.49 13.82
CA SER A 125 30.70 8.32 13.64
C SER A 125 32.03 8.53 14.34
N ALA A 126 32.56 9.74 14.28
CA ALA A 126 33.76 10.12 15.02
C ALA A 126 34.94 9.19 14.71
N GLY A 127 35.11 8.86 13.45
CA GLY A 127 36.23 8.04 13.02
C GLY A 127 36.12 6.57 13.29
N ARG A 128 34.92 6.07 13.63
CA ARG A 128 34.76 4.63 13.84
C ARG A 128 34.89 3.83 12.54
N GLY A 129 34.75 4.47 11.39
CA GLY A 129 34.92 3.77 10.13
C GLY A 129 33.65 3.13 9.62
N ILE A 130 33.80 2.46 8.48
CA ILE A 130 32.62 2.07 7.74
C ILE A 130 31.92 0.83 8.29
N TYR A 131 32.60 0.03 9.11
CA TYR A 131 32.02 -1.20 9.66
C TYR A 131 31.51 -1.01 11.08
N GLU A 132 32.32 -0.41 11.94
CA GLU A 132 31.95 -0.18 13.33
C GLU A 132 31.02 1.00 13.51
N GLY A 133 30.96 1.90 12.52
CA GLY A 133 30.24 3.13 12.67
C GLY A 133 29.05 3.18 11.75
N PRO A 134 28.19 4.18 11.96
CA PRO A 134 26.94 4.29 11.18
C PRO A 134 27.20 4.71 9.74
N GLY A 135 26.20 4.43 8.91
CA GLY A 135 26.24 4.88 7.53
C GLY A 135 24.90 5.43 7.11
N ILE A 136 24.77 5.67 5.80
CA ILE A 136 23.55 6.23 5.24
C ILE A 136 23.13 5.39 4.03
N SER A 137 21.83 5.38 3.74
CA SER A 137 21.27 4.76 2.54
C SER A 137 20.49 5.82 1.77
N ILE A 138 20.62 5.81 0.44
CA ILE A 138 19.94 6.77 -0.42
C ILE A 138 19.17 6.02 -1.50
N LYS A 139 18.18 6.71 -2.05
CA LYS A 139 17.44 6.21 -3.21
C LYS A 139 17.67 7.17 -4.37
N LEU A 140 18.10 6.61 -5.51
CA LEU A 140 18.33 7.45 -6.68
C LEU A 140 17.05 8.14 -7.14
N SER A 141 15.88 7.51 -6.95
CA SER A 141 14.64 8.13 -7.40
C SER A 141 14.30 9.40 -6.62
N ALA A 142 14.90 9.58 -5.44
CA ALA A 142 14.68 10.82 -4.69
C ALA A 142 15.47 11.98 -5.27
N LEU A 143 16.51 11.71 -6.04
CA LEU A 143 17.48 12.72 -6.42
C LEU A 143 17.31 13.21 -7.86
N HIS A 144 16.37 12.64 -8.62
CA HIS A 144 16.13 13.09 -9.98
C HIS A 144 14.63 13.16 -10.18
N PRO A 145 14.12 14.28 -10.69
CA PRO A 145 12.65 14.49 -10.77
C PRO A 145 11.93 13.62 -11.78
N ARG A 146 12.66 12.94 -12.67
CA ARG A 146 12.04 12.07 -13.67
C ARG A 146 12.77 10.76 -13.76
N TYR A 147 13.12 10.20 -12.60
CA TYR A 147 14.05 9.07 -12.56
C TYR A 147 13.57 7.92 -13.42
N SER A 148 12.28 7.58 -13.34
CA SER A 148 11.75 6.44 -14.06
C SER A 148 11.12 6.79 -15.39
N ARG A 149 10.92 8.08 -15.69
CA ARG A 149 10.17 8.49 -16.87
C ARG A 149 11.02 9.22 -17.90
N ALA A 150 12.32 9.32 -17.69
CA ALA A 150 13.21 9.98 -18.64
C ALA A 150 14.27 8.98 -19.10
N GLN A 151 14.88 9.30 -20.24
CA GLN A 151 15.87 8.42 -20.84
C GLN A 151 17.00 8.12 -19.85
N ALA A 152 17.38 6.85 -19.77
CA ALA A 152 18.33 6.41 -18.75
C ALA A 152 19.66 7.14 -18.86
N ALA A 153 20.13 7.38 -20.08
CA ALA A 153 21.43 8.03 -20.25
C ALA A 153 21.43 9.42 -19.65
N ARG A 154 20.42 10.24 -19.98
CA ARG A 154 20.34 11.61 -19.46
C ARG A 154 20.12 11.62 -17.96
N VAL A 155 19.32 10.67 -17.45
CA VAL A 155 19.09 10.60 -16.01
C VAL A 155 20.41 10.37 -15.27
N MET A 156 21.20 9.40 -15.73
CA MET A 156 22.47 9.12 -15.06
C MET A 156 23.39 10.33 -15.11
N GLY A 157 23.37 11.07 -16.23
CA GLY A 157 24.29 12.20 -16.38
C GLY A 157 24.01 13.34 -15.42
N GLU A 158 22.72 13.62 -15.17
CA GLU A 158 22.37 14.65 -14.18
C GLU A 158 22.51 14.13 -12.75
N LEU A 159 22.31 12.83 -12.56
CA LEU A 159 22.37 12.23 -11.24
C LEU A 159 23.81 12.11 -10.75
N LEU A 160 24.74 11.79 -11.65
CA LEU A 160 26.13 11.52 -11.29
C LEU A 160 26.75 12.61 -10.43
N PRO A 161 26.73 13.89 -10.81
CA PRO A 161 27.35 14.91 -9.95
C PRO A 161 26.77 14.97 -8.56
N ARG A 162 25.46 14.75 -8.42
CA ARG A 162 24.84 14.80 -7.10
C ARG A 162 25.28 13.63 -6.24
N VAL A 163 25.25 12.42 -6.80
CA VAL A 163 25.66 11.26 -6.02
C VAL A 163 27.15 11.32 -5.71
N LYS A 164 27.97 11.77 -6.66
CA LYS A 164 29.40 11.92 -6.39
C LYS A 164 29.64 12.91 -5.25
N ALA A 165 28.91 14.02 -5.23
CA ALA A 165 29.09 14.99 -4.15
C ALA A 165 28.77 14.37 -2.80
N LEU A 166 27.68 13.60 -2.72
CA LEU A 166 27.35 12.91 -1.49
C LEU A 166 28.39 11.85 -1.14
N ALA A 167 28.89 11.12 -2.14
CA ALA A 167 29.93 10.14 -1.88
C ALA A 167 31.19 10.79 -1.36
N LEU A 168 31.53 11.97 -1.88
CA LEU A 168 32.71 12.67 -1.40
C LEU A 168 32.55 13.08 0.07
N LEU A 169 31.36 13.53 0.46
CA LEU A 169 31.14 13.82 1.87
C LEU A 169 31.29 12.57 2.71
N ALA A 170 30.71 11.45 2.25
CA ALA A 170 30.83 10.20 2.98
C ALA A 170 32.29 9.79 3.12
N LYS A 171 33.07 9.96 2.06
CA LYS A 171 34.51 9.68 2.14
C LYS A 171 35.20 10.57 3.17
N ASN A 172 34.85 11.87 3.20
CA ASN A 172 35.47 12.80 4.16
C ASN A 172 35.31 12.31 5.59
N TYR A 173 34.15 11.74 5.92
CA TYR A 173 33.92 11.26 7.28
C TYR A 173 34.20 9.77 7.44
N ASP A 174 34.50 9.08 6.35
CA ASP A 174 34.73 7.62 6.32
C ASP A 174 33.52 6.85 6.87
N ILE A 175 32.36 7.10 6.26
CA ILE A 175 31.14 6.37 6.56
C ILE A 175 30.66 5.65 5.31
N GLY A 176 29.78 4.67 5.52
CA GLY A 176 29.18 3.97 4.39
C GLY A 176 28.06 4.77 3.74
N LEU A 177 27.99 4.68 2.42
CA LEU A 177 26.90 5.27 1.64
CA LEU A 177 26.92 5.28 1.64
C LEU A 177 26.38 4.21 0.70
N ASN A 178 25.15 3.75 0.95
CA ASN A 178 24.53 2.67 0.19
C ASN A 178 23.47 3.20 -0.77
N ILE A 179 23.49 2.69 -1.99
CA ILE A 179 22.42 2.94 -2.97
C ILE A 179 21.39 1.83 -2.87
N ASP A 180 20.20 2.17 -2.36
CA ASP A 180 19.10 1.21 -2.30
C ASP A 180 18.70 0.77 -3.71
N ALA A 181 18.24 -0.47 -3.83
CA ALA A 181 17.71 -0.96 -5.11
C ALA A 181 16.20 -0.72 -5.19
N GLU A 182 15.75 -0.22 -6.34
CA GLU A 182 14.33 0.07 -6.50
C GLU A 182 13.72 -0.81 -7.58
N GLU A 183 13.04 -0.26 -8.59
CA GLU A 183 12.35 -1.10 -9.55
C GLU A 183 13.34 -1.74 -10.54
N ALA A 184 12.93 -2.88 -11.10
CA ALA A 184 13.81 -3.67 -11.95
C ALA A 184 14.31 -2.89 -13.16
N ASP A 185 13.48 -1.99 -13.70
CA ASP A 185 13.91 -1.28 -14.91
C ASP A 185 14.95 -0.21 -14.64
N ARG A 186 15.36 -0.02 -13.39
CA ARG A 186 16.39 0.95 -13.05
C ARG A 186 17.65 0.30 -12.52
N LEU A 187 17.70 -1.03 -12.49
CA LEU A 187 18.93 -1.72 -12.07
C LEU A 187 20.11 -1.28 -12.93
N GLU A 188 19.94 -1.31 -14.26
CA GLU A 188 21.06 -1.06 -15.16
C GLU A 188 21.63 0.34 -14.97
N LEU A 189 20.76 1.35 -14.89
CA LEU A 189 21.22 2.71 -14.68
C LEU A 189 22.01 2.83 -13.40
N SER A 190 21.47 2.30 -12.31
CA SER A 190 22.15 2.42 -11.02
C SER A 190 23.49 1.69 -11.03
N LEU A 191 23.57 0.56 -11.73
CA LEU A 191 24.82 -0.17 -11.84
C LEU A 191 25.86 0.60 -12.64
N ASP A 192 25.43 1.29 -13.69
CA ASP A 192 26.35 2.16 -14.43
C ASP A 192 26.90 3.26 -13.53
N LEU A 193 26.05 3.83 -12.67
CA LEU A 193 26.49 4.87 -11.75
C LEU A 193 27.51 4.31 -10.76
N LEU A 194 27.26 3.11 -10.23
CA LEU A 194 28.20 2.49 -9.31
C LEU A 194 29.57 2.33 -9.96
N GLU A 195 29.60 1.86 -11.21
CA GLU A 195 30.88 1.64 -11.87
C GLU A 195 31.65 2.94 -12.04
N VAL A 196 30.97 4.02 -12.45
CA VAL A 196 31.65 5.30 -12.60
C VAL A 196 32.25 5.76 -11.28
N LEU A 197 31.48 5.64 -10.19
CA LEU A 197 31.97 6.07 -8.88
C LEU A 197 33.16 5.25 -8.44
N CYS A 198 33.15 3.93 -8.69
CA CYS A 198 34.24 3.07 -8.23
C CYS A 198 35.51 3.27 -9.01
N LEU A 199 35.42 3.83 -10.22
CA LEU A 199 36.59 4.16 -11.02
C LEU A 199 37.00 5.62 -10.88
N ASP A 200 36.29 6.40 -10.08
CA ASP A 200 36.58 7.82 -9.92
C ASP A 200 37.69 8.01 -8.89
N GLY A 201 38.84 8.50 -9.34
CA GLY A 201 40.00 8.67 -8.47
C GLY A 201 39.78 9.60 -7.28
N ASP A 202 38.81 10.52 -7.39
CA ASP A 202 38.52 11.41 -6.27
C ASP A 202 38.00 10.66 -5.04
N LEU A 203 37.48 9.45 -5.22
CA LEU A 203 36.96 8.64 -4.13
C LEU A 203 37.92 7.56 -3.67
N SER A 204 39.18 7.61 -4.11
CA SER A 204 40.14 6.54 -3.79
C SER A 204 40.38 6.48 -2.28
N GLY A 205 40.64 5.26 -1.80
CA GLY A 205 40.96 5.02 -0.42
C GLY A 205 39.77 4.92 0.50
N TRP A 206 38.56 5.02 -0.04
CA TRP A 206 37.33 4.93 0.72
C TRP A 206 36.60 3.68 0.27
N ASN A 207 36.26 2.81 1.23
CA ASN A 207 35.56 1.57 0.94
C ASN A 207 34.09 1.62 1.35
N GLY A 208 33.52 2.83 1.48
CA GLY A 208 32.16 2.93 1.98
C GLY A 208 31.07 2.89 0.94
N MET A 209 31.39 2.86 -0.35
CA MET A 209 30.34 2.79 -1.36
C MET A 209 29.62 1.46 -1.28
N GLY A 210 28.29 1.51 -1.22
CA GLY A 210 27.50 0.30 -1.07
C GLY A 210 26.42 0.23 -2.11
N PHE A 211 25.98 -1.01 -2.37
CA PHE A 211 25.00 -1.27 -3.43
C PHE A 211 24.18 -2.48 -3.06
N VAL A 212 22.87 -2.40 -3.32
CA VAL A 212 21.95 -3.50 -3.04
C VAL A 212 21.72 -4.32 -4.30
N VAL A 213 21.65 -5.64 -4.14
CA VAL A 213 21.20 -6.52 -5.22
C VAL A 213 20.04 -7.36 -4.71
N GLN A 214 18.99 -7.50 -5.53
CA GLN A 214 17.73 -8.13 -5.15
C GLN A 214 17.70 -9.56 -5.69
N ALA A 215 17.66 -10.53 -4.77
CA ALA A 215 17.67 -11.95 -5.13
C ALA A 215 16.38 -12.40 -5.79
N TYR A 216 15.30 -11.62 -5.71
CA TYR A 216 14.12 -11.99 -6.48
C TYR A 216 14.27 -11.72 -7.97
N GLY A 217 15.36 -11.06 -8.37
CA GLY A 217 15.61 -10.75 -9.76
C GLY A 217 16.42 -11.82 -10.46
N LYS A 218 16.05 -12.11 -11.70
CA LYS A 218 16.74 -13.11 -12.49
C LYS A 218 18.19 -12.71 -12.79
N ARG A 219 18.50 -11.42 -12.75
CA ARG A 219 19.85 -10.97 -13.05
C ARG A 219 20.80 -11.04 -11.85
N CYS A 220 20.29 -11.32 -10.66
CA CYS A 220 21.06 -11.21 -9.41
C CYS A 220 22.45 -11.82 -9.44
N PRO A 221 22.62 -13.11 -9.74
CA PRO A 221 23.99 -13.67 -9.73
C PRO A 221 24.92 -13.00 -10.71
N PHE A 222 24.41 -12.55 -11.86
CA PHE A 222 25.26 -11.93 -12.86
C PHE A 222 25.61 -10.50 -12.49
N VAL A 223 24.68 -9.79 -11.84
CA VAL A 223 25.01 -8.51 -11.23
C VAL A 223 26.13 -8.70 -10.22
N LEU A 224 26.01 -9.73 -9.37
CA LEU A 224 27.04 -9.97 -8.36
C LEU A 224 28.39 -10.28 -8.99
N ASP A 225 28.42 -11.09 -10.06
CA ASP A 225 29.69 -11.35 -10.74
C ASP A 225 30.32 -10.05 -11.24
N PHE A 226 29.51 -9.18 -11.82
CA PHE A 226 30.02 -7.90 -12.30
C PHE A 226 30.55 -7.05 -11.15
N ILE A 227 29.84 -7.02 -10.02
CA ILE A 227 30.25 -6.16 -8.91
C ILE A 227 31.52 -6.69 -8.24
N ILE A 228 31.60 -8.01 -8.06
CA ILE A 228 32.80 -8.61 -7.48
C ILE A 228 34.02 -8.33 -8.35
N ASP A 229 33.87 -8.47 -9.66
CA ASP A 229 34.98 -8.13 -10.56
C ASP A 229 35.30 -6.64 -10.51
N LEU A 230 34.27 -5.79 -10.46
CA LEU A 230 34.51 -4.35 -10.36
C LEU A 230 35.27 -4.01 -9.09
N ALA A 231 34.89 -4.61 -7.96
CA ALA A 231 35.62 -4.39 -6.72
C ALA A 231 37.07 -4.81 -6.85
N ARG A 232 37.31 -5.99 -7.42
CA ARG A 232 38.66 -6.52 -7.52
C ARG A 232 39.53 -5.64 -8.40
N ARG A 233 38.98 -5.15 -9.53
CA ARG A 233 39.79 -4.36 -10.44
C ARG A 233 39.94 -2.90 -10.00
N SER A 234 38.96 -2.35 -9.31
CA SER A 234 38.99 -0.94 -8.90
C SER A 234 39.68 -0.75 -7.56
N GLY A 235 39.88 -1.82 -6.79
CA GLY A 235 40.43 -1.71 -5.46
C GLY A 235 39.47 -1.19 -4.42
N ARG A 236 38.19 -1.08 -4.76
CA ARG A 236 37.16 -0.62 -3.83
C ARG A 236 36.48 -1.85 -3.26
N ARG A 237 36.48 -1.96 -1.93
CA ARG A 237 35.79 -3.09 -1.30
C ARG A 237 34.32 -2.75 -1.18
N ILE A 238 33.59 -2.99 -2.27
CA ILE A 238 32.21 -2.55 -2.37
C ILE A 238 31.38 -3.25 -1.31
N MET A 239 30.55 -2.48 -0.59
CA MET A 239 29.62 -3.06 0.35
C MET A 239 28.41 -3.54 -0.44
N VAL A 240 28.10 -4.83 -0.35
CA VAL A 240 27.02 -5.41 -1.17
C VAL A 240 25.93 -5.91 -0.25
N ARG A 241 24.79 -5.24 -0.27
CA ARG A 241 23.63 -5.66 0.51
C ARG A 241 22.81 -6.62 -0.32
N LEU A 242 22.73 -7.87 0.11
CA LEU A 242 21.93 -8.87 -0.56
C LEU A 242 20.56 -8.90 0.11
N VAL A 243 19.52 -8.63 -0.67
CA VAL A 243 18.15 -8.61 -0.19
C VAL A 243 17.37 -9.55 -1.07
N LYS A 244 16.16 -9.90 -0.62
CA LYS A 244 15.24 -10.57 -1.52
C LYS A 244 14.57 -9.56 -2.45
N GLY A 245 13.83 -8.62 -1.90
CA GLY A 245 13.37 -7.48 -2.66
C GLY A 245 12.04 -7.00 -2.15
N ALA A 246 11.80 -5.68 -2.28
CA ALA A 246 10.66 -5.03 -1.64
C ALA A 246 9.51 -4.69 -2.59
N TYR A 247 9.67 -4.89 -3.90
CA TYR A 247 8.73 -4.38 -4.89
C TYR A 247 8.04 -5.49 -5.68
N TRP A 248 7.91 -6.67 -5.09
CA TRP A 248 7.48 -7.84 -5.85
C TRP A 248 6.08 -7.64 -6.44
N ASP A 249 5.13 -7.20 -5.61
CA ASP A 249 3.77 -7.03 -6.09
C ASP A 249 3.70 -6.04 -7.24
N ALA A 250 4.49 -4.97 -7.18
CA ALA A 250 4.47 -3.97 -8.25
C ALA A 250 5.13 -4.51 -9.52
N GLU A 251 6.20 -5.29 -9.38
CA GLU A 251 6.84 -5.88 -10.55
C GLU A 251 5.91 -6.85 -11.26
N ILE A 252 5.17 -7.65 -10.48
CA ILE A 252 4.21 -8.58 -11.07
C ILE A 252 3.14 -7.82 -11.84
N LYS A 253 2.58 -6.77 -11.22
CA LYS A 253 1.52 -6.00 -11.84
C LYS A 253 1.98 -5.33 -13.12
N ARG A 254 3.18 -4.74 -13.11
CA ARG A 254 3.71 -4.11 -14.31
C ARG A 254 3.95 -5.15 -15.41
N ALA A 255 4.48 -6.32 -15.03
CA ALA A 255 4.77 -7.35 -16.02
C ALA A 255 3.50 -7.92 -16.62
N GLN A 256 2.45 -8.06 -15.80
CA GLN A 256 1.16 -8.52 -16.33
C GLN A 256 0.58 -7.52 -17.32
N LEU A 257 0.78 -6.23 -17.06
CA LEU A 257 0.31 -5.21 -17.98
C LEU A 257 1.18 -5.10 -19.22
N ASP A 258 2.50 -5.29 -19.06
CA ASP A 258 3.42 -5.29 -20.19
C ASP A 258 3.22 -6.48 -21.12
N GLY A 259 2.25 -7.36 -20.83
CA GLY A 259 1.99 -8.49 -21.69
C GLY A 259 3.13 -9.46 -21.81
N LEU A 260 4.07 -9.43 -20.87
CA LEU A 260 5.26 -10.27 -20.96
C LEU A 260 4.95 -11.68 -20.47
N ALA A 261 5.45 -12.67 -21.22
CA ALA A 261 5.37 -14.05 -20.75
C ALA A 261 6.41 -14.32 -19.66
N ASP A 262 7.54 -13.62 -19.71
CA ASP A 262 8.65 -13.83 -18.78
C ASP A 262 8.93 -12.52 -18.05
N PHE A 263 8.86 -12.56 -16.73
CA PHE A 263 8.98 -11.39 -15.89
C PHE A 263 10.44 -11.18 -15.48
N PRO A 264 10.81 -10.00 -15.01
CA PRO A 264 12.18 -9.79 -14.50
C PRO A 264 12.41 -10.34 -13.11
N VAL A 265 11.37 -10.83 -12.44
CA VAL A 265 11.49 -11.40 -11.11
C VAL A 265 10.92 -12.81 -11.12
N PHE A 266 11.33 -13.60 -10.14
CA PHE A 266 10.74 -14.90 -9.93
C PHE A 266 9.29 -14.74 -9.49
N THR A 267 8.50 -15.79 -9.73
CA THR A 267 7.09 -15.77 -9.40
C THR A 267 6.72 -16.74 -8.28
N ARG A 268 7.65 -17.56 -7.82
CA ARG A 268 7.46 -18.46 -6.70
C ARG A 268 8.42 -18.05 -5.59
N LYS A 269 7.90 -17.93 -4.37
CA LYS A 269 8.71 -17.40 -3.28
C LYS A 269 9.91 -18.31 -3.01
N ILE A 270 9.72 -19.62 -3.17
CA ILE A 270 10.82 -20.54 -2.91
C ILE A 270 11.97 -20.33 -3.89
N HIS A 271 11.66 -19.90 -5.12
CA HIS A 271 12.73 -19.61 -6.08
C HIS A 271 13.56 -18.43 -5.63
N THR A 272 12.94 -17.41 -5.07
CA THR A 272 13.70 -16.30 -4.51
C THR A 272 14.58 -16.76 -3.36
N ASP A 273 14.06 -17.68 -2.53
CA ASP A 273 14.85 -18.17 -1.40
C ASP A 273 16.09 -18.92 -1.89
N VAL A 274 15.92 -19.75 -2.93
CA VAL A 274 17.06 -20.47 -3.48
C VAL A 274 18.05 -19.49 -4.09
N SER A 275 17.54 -18.50 -4.83
CA SER A 275 18.40 -17.49 -5.43
C SER A 275 19.22 -16.76 -4.36
N TYR A 276 18.58 -16.45 -3.24
CA TYR A 276 19.29 -15.74 -2.17
C TYR A 276 20.45 -16.58 -1.63
N ILE A 277 20.19 -17.86 -1.35
CA ILE A 277 21.25 -18.71 -0.79
C ILE A 277 22.36 -18.91 -1.80
N ALA A 278 22.02 -19.12 -3.07
CA ALA A 278 23.04 -19.26 -4.10
C ALA A 278 23.89 -18.00 -4.20
N CYS A 279 23.26 -16.83 -4.12
CA CYS A 279 23.99 -15.58 -4.22
C CYS A 279 24.81 -15.31 -2.97
N ALA A 280 24.31 -15.74 -1.80
CA ALA A 280 25.10 -15.64 -0.59
C ALA A 280 26.36 -16.48 -0.69
N ALA A 281 26.28 -17.68 -1.27
CA ALA A 281 27.46 -18.49 -1.47
C ALA A 281 28.47 -17.77 -2.34
N LYS A 282 28.00 -17.11 -3.40
CA LYS A 282 28.89 -16.35 -4.26
C LYS A 282 29.57 -15.21 -3.50
N LEU A 283 28.82 -14.50 -2.66
CA LEU A 283 29.39 -13.38 -1.91
C LEU A 283 30.38 -13.86 -0.85
N LEU A 284 30.07 -14.96 -0.16
CA LEU A 284 30.96 -15.45 0.88
C LEU A 284 32.28 -15.94 0.31
N ALA A 285 32.31 -16.32 -0.96
CA ALA A 285 33.56 -16.68 -1.61
C ALA A 285 34.38 -15.46 -2.02
N ALA A 286 33.84 -14.26 -1.85
CA ALA A 286 34.46 -13.04 -2.35
C ALA A 286 34.69 -12.00 -1.27
N THR A 287 34.76 -12.41 0.01
CA THR A 287 34.90 -11.45 1.09
C THR A 287 36.22 -10.68 1.05
N ASP A 288 37.21 -11.15 0.28
CA ASP A 288 38.44 -10.38 0.13
C ASP A 288 38.19 -9.05 -0.57
N VAL A 289 37.26 -9.03 -1.53
CA VAL A 289 37.08 -7.86 -2.38
C VAL A 289 35.74 -7.15 -2.18
N VAL A 290 34.73 -7.80 -1.59
CA VAL A 290 33.46 -7.15 -1.28
C VAL A 290 33.13 -7.42 0.19
N PHE A 291 32.28 -6.54 0.73
CA PHE A 291 31.78 -6.66 2.10
C PHE A 291 30.31 -7.08 2.03
N PRO A 292 30.01 -8.37 2.14
CA PRO A 292 28.60 -8.81 2.06
C PRO A 292 27.80 -8.39 3.27
N GLN A 293 26.56 -7.98 3.02
CA GLN A 293 25.65 -7.53 4.06
C GLN A 293 24.36 -8.30 3.83
N PHE A 294 24.09 -9.28 4.68
CA PHE A 294 22.97 -10.20 4.46
C PHE A 294 21.74 -9.68 5.17
N ALA A 295 20.89 -9.00 4.41
CA ALA A 295 19.67 -8.37 4.91
C ALA A 295 18.53 -9.39 4.85
N THR A 296 18.07 -9.83 6.02
CA THR A 296 16.95 -10.77 6.08
C THR A 296 16.40 -10.80 7.50
N HIS A 297 15.10 -11.07 7.62
CA HIS A 297 14.47 -11.38 8.89
C HIS A 297 14.13 -12.87 9.00
N ASN A 298 14.54 -13.68 8.03
CA ASN A 298 14.17 -15.08 7.98
C ASN A 298 15.25 -15.87 8.71
N ALA A 299 14.87 -16.52 9.82
CA ALA A 299 15.83 -17.23 10.66
C ALA A 299 16.48 -18.42 9.95
N GLN A 300 15.77 -19.08 9.03
CA GLN A 300 16.40 -20.15 8.25
C GLN A 300 17.45 -19.59 7.30
N THR A 301 17.12 -18.48 6.62
CA THR A 301 18.09 -17.85 5.73
C THR A 301 19.33 -17.45 6.51
N LEU A 302 19.12 -16.80 7.66
CA LEU A 302 20.21 -16.36 8.51
C LEU A 302 21.07 -17.54 8.93
N ALA A 303 20.44 -18.59 9.46
CA ALA A 303 21.19 -19.74 9.95
C ALA A 303 22.01 -20.39 8.85
N ALA A 304 21.45 -20.45 7.64
CA ALA A 304 22.16 -21.03 6.51
C ALA A 304 23.43 -20.25 6.23
N ILE A 305 23.31 -18.93 6.15
CA ILE A 305 24.45 -18.08 5.84
C ILE A 305 25.48 -18.13 6.96
N TYR A 306 25.04 -18.11 8.22
CA TYR A 306 25.94 -18.20 9.36
C TYR A 306 26.84 -19.43 9.27
N HIS A 307 26.27 -20.58 8.90
CA HIS A 307 27.09 -21.78 8.79
C HIS A 307 27.86 -21.83 7.47
N MET A 308 27.30 -21.30 6.39
CA MET A 308 28.03 -21.25 5.13
C MET A 308 29.31 -20.43 5.26
N ALA A 309 29.29 -19.41 6.13
CA ALA A 309 30.41 -18.50 6.26
C ALA A 309 31.62 -19.13 6.95
N GLY A 310 31.43 -20.26 7.63
CA GLY A 310 32.55 -20.92 8.27
C GLY A 310 32.90 -20.30 9.60
N LYS A 311 33.98 -20.81 10.18
CA LYS A 311 34.37 -20.48 11.55
C LYS A 311 35.14 -19.17 11.64
N ASP A 312 35.80 -18.74 10.58
CA ASP A 312 36.63 -17.54 10.64
C ASP A 312 35.74 -16.31 10.55
N PHE A 313 35.83 -15.43 11.55
CA PHE A 313 35.08 -14.19 11.48
C PHE A 313 35.88 -13.06 12.12
N HIS A 314 35.76 -11.87 11.51
CA HIS A 314 36.28 -10.64 12.08
C HIS A 314 35.35 -9.53 11.62
N VAL A 315 35.25 -8.46 12.43
CA VAL A 315 34.45 -7.32 12.01
C VAL A 315 35.01 -6.77 10.71
N GLY A 316 34.13 -6.55 9.74
CA GLY A 316 34.53 -6.20 8.39
C GLY A 316 34.51 -7.36 7.41
N LYS A 317 34.40 -8.60 7.88
CA LYS A 317 34.32 -9.70 6.93
C LYS A 317 32.95 -9.71 6.23
N TYR A 318 31.87 -9.73 7.01
CA TYR A 318 30.50 -9.61 6.53
CA TYR A 318 30.51 -9.57 6.52
C TYR A 318 29.66 -9.15 7.72
N GLU A 319 28.41 -8.80 7.43
CA GLU A 319 27.47 -8.48 8.50
C GLU A 319 26.09 -8.92 8.06
N PHE A 320 25.18 -9.01 9.03
CA PHE A 320 23.77 -9.11 8.72
C PHE A 320 23.15 -7.72 8.76
N GLN A 321 21.92 -7.62 8.26
CA GLN A 321 21.14 -6.38 8.37
C GLN A 321 19.67 -6.69 8.58
N CYS A 322 18.99 -5.73 9.20
CA CYS A 322 17.56 -5.86 9.42
C CYS A 322 16.91 -4.49 9.33
N LEU A 323 15.59 -4.47 9.20
CA LEU A 323 14.83 -3.22 9.25
C LEU A 323 14.45 -2.86 10.68
N HIS A 324 14.55 -1.58 11.01
CA HIS A 324 14.07 -1.09 12.29
C HIS A 324 12.60 -1.47 12.50
N GLY A 325 12.30 -1.98 13.70
CA GLY A 325 10.94 -2.37 14.03
C GLY A 325 10.56 -3.76 13.57
N MET A 326 11.40 -4.43 12.81
CA MET A 326 11.15 -5.79 12.37
C MET A 326 12.18 -6.80 12.84
N GLY A 327 13.45 -6.41 12.91
CA GLY A 327 14.50 -7.40 13.05
C GLY A 327 15.02 -7.59 14.45
N GLU A 328 14.66 -6.71 15.37
CA GLU A 328 15.25 -6.77 16.70
C GLU A 328 15.00 -8.10 17.42
N PRO A 329 13.78 -8.66 17.41
CA PRO A 329 13.58 -9.94 18.12
C PRO A 329 14.49 -11.05 17.63
N LEU A 330 14.68 -11.16 16.32
CA LEU A 330 15.59 -12.16 15.78
C LEU A 330 17.05 -11.83 16.13
N TYR A 331 17.47 -10.60 15.83
CA TYR A 331 18.89 -10.28 15.95
C TYR A 331 19.35 -10.14 17.39
N GLU A 332 18.42 -9.99 18.34
CA GLU A 332 18.77 -10.11 19.76
C GLU A 332 19.24 -11.51 20.10
N GLU A 333 18.97 -12.49 19.24
CA GLU A 333 19.45 -13.84 19.39
C GLU A 333 20.72 -14.11 18.58
N VAL A 334 21.31 -13.06 17.99
CA VAL A 334 22.42 -13.18 17.06
C VAL A 334 23.60 -12.33 17.51
N VAL A 335 23.35 -11.04 17.76
CA VAL A 335 24.42 -10.14 18.18
CA VAL A 335 24.41 -10.14 18.18
C VAL A 335 24.83 -10.47 19.61
N GLY A 336 26.10 -10.23 19.90
CA GLY A 336 26.52 -10.38 21.28
C GLY A 336 27.32 -11.65 21.52
N ARG A 337 28.19 -11.60 22.53
CA ARG A 337 29.07 -12.73 22.80
C ARG A 337 28.33 -13.90 23.43
N GLY A 338 27.11 -13.68 23.94
CA GLY A 338 26.30 -14.78 24.44
C GLY A 338 25.45 -15.45 23.41
N LYS A 339 25.47 -14.94 22.18
CA LYS A 339 24.65 -15.47 21.11
C LYS A 339 25.56 -15.98 19.99
N LEU A 340 25.38 -15.48 18.78
CA LEU A 340 26.20 -15.91 17.65
C LEU A 340 27.40 -15.00 17.39
N ASP A 341 27.53 -13.89 18.11
CA ASP A 341 28.66 -12.98 17.98
C ASP A 341 28.87 -12.53 16.52
N ARG A 342 27.76 -12.16 15.87
CA ARG A 342 27.84 -11.56 14.55
C ARG A 342 27.12 -10.23 14.56
N PRO A 343 27.62 -9.23 13.85
CA PRO A 343 27.01 -7.90 13.88
C PRO A 343 25.81 -7.81 12.95
N CYS A 344 24.94 -6.86 13.27
CA CYS A 344 23.77 -6.58 12.45
C CYS A 344 23.62 -5.08 12.33
N ARG A 345 23.42 -4.59 11.11
CA ARG A 345 23.16 -3.17 10.87
C ARG A 345 21.67 -2.96 10.68
N ILE A 346 21.12 -2.01 11.43
CA ILE A 346 19.70 -1.69 11.41
C ILE A 346 19.46 -0.59 10.38
N TYR A 347 18.59 -0.87 9.41
CA TYR A 347 18.16 0.13 8.45
C TYR A 347 17.13 0.99 9.17
N ALA A 348 17.42 2.28 9.31
CA ALA A 348 16.69 3.17 10.22
C ALA A 348 16.04 4.32 9.47
N PRO A 349 14.76 4.21 9.12
CA PRO A 349 14.09 5.33 8.46
C PRO A 349 14.00 6.56 9.35
N VAL A 350 14.16 7.73 8.75
CA VAL A 350 14.11 9.01 9.46
C VAL A 350 13.22 9.94 8.65
N GLY A 351 12.17 10.45 9.26
CA GLY A 351 11.31 11.39 8.57
C GLY A 351 9.99 11.57 9.26
N THR A 352 9.14 12.35 8.60
CA THR A 352 7.79 12.65 9.06
C THR A 352 6.84 11.54 8.61
N HIS A 353 5.58 11.65 9.06
CA HIS A 353 4.56 10.70 8.62
C HIS A 353 4.31 10.83 7.12
N GLU A 354 4.38 12.05 6.58
CA GLU A 354 4.18 12.26 5.16
C GLU A 354 5.16 11.44 4.32
N THR A 355 6.46 11.62 4.57
CA THR A 355 7.46 10.91 3.78
C THR A 355 7.46 9.41 4.08
N LEU A 356 6.72 8.97 5.08
CA LEU A 356 6.75 7.59 5.53
C LEU A 356 5.85 6.67 4.70
N LEU A 357 4.84 7.22 4.01
CA LEU A 357 3.74 6.39 3.52
C LEU A 357 4.19 5.32 2.53
N ALA A 358 5.03 5.69 1.54
CA ALA A 358 5.40 4.72 0.52
C ALA A 358 6.17 3.56 1.12
N TYR A 359 7.10 3.87 2.01
CA TYR A 359 7.84 2.84 2.73
C TYR A 359 6.88 1.95 3.51
N LEU A 360 5.90 2.55 4.18
CA LEU A 360 4.93 1.76 4.95
C LEU A 360 4.14 0.80 4.08
N VAL A 361 3.77 1.22 2.86
CA VAL A 361 3.04 0.30 1.97
C VAL A 361 3.87 -0.94 1.69
N ARG A 362 5.16 -0.78 1.42
CA ARG A 362 6.00 -1.94 1.16
C ARG A 362 6.15 -2.80 2.41
N ARG A 363 6.16 -2.18 3.60
CA ARG A 363 6.19 -2.98 4.83
C ARG A 363 4.90 -3.75 5.05
N LEU A 364 3.76 -3.18 4.65
CA LEU A 364 2.51 -3.90 4.78
C LEU A 364 2.49 -5.11 3.87
N LEU A 365 2.91 -4.93 2.62
CA LEU A 365 2.95 -6.05 1.69
CA LEU A 365 2.97 -6.05 1.68
C LEU A 365 3.94 -7.13 2.17
N GLU A 366 5.01 -6.71 2.84
CA GLU A 366 5.98 -7.67 3.37
C GLU A 366 5.42 -8.38 4.60
N ASN A 367 4.85 -7.63 5.53
CA ASN A 367 4.35 -8.25 6.77
C ASN A 367 3.04 -8.99 6.57
N GLY A 368 2.19 -8.54 5.63
CA GLY A 368 0.88 -9.12 5.49
C GLY A 368 0.79 -10.35 4.60
N ALA A 369 1.86 -10.65 3.86
CA ALA A 369 1.81 -11.77 2.93
C ALA A 369 1.94 -13.08 3.69
N ASN A 370 1.03 -14.01 3.40
CA ASN A 370 1.06 -15.32 4.02
C ASN A 370 2.38 -16.04 3.75
N SER A 371 3.07 -15.71 2.66
CA SER A 371 4.34 -16.36 2.35
C SER A 371 5.53 -15.80 3.14
N SER A 372 5.38 -14.69 3.85
CA SER A 372 6.51 -14.07 4.53
C SER A 372 6.85 -14.77 5.84
N PHE A 373 8.15 -14.96 6.08
CA PHE A 373 8.61 -15.51 7.35
C PHE A 373 8.00 -14.78 8.53
N VAL A 374 7.99 -13.43 8.48
CA VAL A 374 7.47 -12.67 9.61
C VAL A 374 5.98 -12.90 9.84
N HIS A 375 5.23 -13.32 8.82
CA HIS A 375 3.84 -13.69 9.03
C HIS A 375 3.73 -15.12 9.55
N ARG A 376 4.55 -16.02 8.99
CA ARG A 376 4.48 -17.43 9.33
C ARG A 376 4.94 -17.70 10.76
N ILE A 377 5.91 -16.92 11.25
CA ILE A 377 6.41 -17.13 12.61
C ILE A 377 5.29 -17.04 13.64
N ASN A 378 4.23 -16.30 13.33
CA ASN A 378 3.08 -16.11 14.21
C ASN A 378 1.87 -16.94 13.82
N ASP A 379 1.97 -17.75 12.77
CA ASP A 379 0.82 -18.48 12.24
C ASP A 379 0.71 -19.81 12.98
N PRO A 380 -0.37 -20.07 13.72
CA PRO A 380 -0.49 -21.35 14.43
C PRO A 380 -0.54 -22.56 13.50
N LYS A 381 -0.84 -22.38 12.22
CA LYS A 381 -0.88 -23.51 11.30
C LYS A 381 0.51 -23.90 10.79
N VAL A 382 1.52 -23.09 11.05
CA VAL A 382 2.86 -23.31 10.50
C VAL A 382 3.75 -23.91 11.58
N SER A 383 4.32 -25.08 11.30
CA SER A 383 5.16 -25.78 12.26
C SER A 383 6.60 -25.26 12.21
N ILE A 384 7.32 -25.47 13.30
CA ILE A 384 8.76 -25.16 13.30
C ILE A 384 9.48 -26.00 12.26
N ASP A 385 9.06 -27.27 12.10
CA ASP A 385 9.66 -28.13 11.07
C ASP A 385 9.59 -27.47 9.71
N GLU A 386 8.45 -26.85 9.40
CA GLU A 386 8.29 -26.17 8.13
C GLU A 386 9.17 -24.92 8.05
N LEU A 387 9.31 -24.19 9.15
CA LEU A 387 10.08 -22.95 9.13
C LEU A 387 11.57 -23.20 8.92
N ILE A 388 12.07 -24.37 9.31
CA ILE A 388 13.49 -24.69 9.18
C ILE A 388 13.79 -25.48 7.90
N ALA A 389 12.79 -25.68 7.05
CA ALA A 389 13.01 -26.41 5.81
C ALA A 389 14.05 -25.68 4.95
N ASP A 390 14.91 -26.46 4.31
CA ASP A 390 15.91 -25.93 3.42
C ASP A 390 15.27 -25.74 2.04
N PRO A 391 15.26 -24.51 1.51
CA PRO A 391 14.56 -24.27 0.22
C PRO A 391 14.99 -25.18 -0.92
N VAL A 392 16.28 -25.56 -1.00
CA VAL A 392 16.71 -26.46 -2.06
C VAL A 392 16.02 -27.82 -1.92
N GLU A 393 15.87 -28.30 -0.70
CA GLU A 393 15.25 -29.60 -0.48
C GLU A 393 13.75 -29.58 -0.65
N VAL A 394 13.14 -28.39 -0.73
CA VAL A 394 11.68 -28.29 -0.83
C VAL A 394 11.26 -28.05 -2.28
N VAL A 395 12.09 -27.33 -3.03
CA VAL A 395 11.70 -26.88 -4.36
C VAL A 395 11.33 -28.08 -5.24
N ARG A 396 10.21 -27.97 -5.94
CA ARG A 396 9.70 -29.08 -6.73
C ARG A 396 8.83 -28.57 -7.88
N SER B 1 -31.62 14.78 -30.66
CA SER B 1 -30.23 14.55 -30.26
C SER B 1 -30.05 13.14 -29.72
N ARG B 2 -28.82 12.69 -29.55
CA ARG B 2 -28.56 11.41 -28.91
C ARG B 2 -29.24 11.37 -27.55
N PRO B 3 -29.76 10.23 -27.11
CA PRO B 3 -30.39 10.18 -25.79
C PRO B 3 -29.48 10.74 -24.71
N GLN B 4 -30.01 11.69 -23.95
CA GLN B 4 -29.29 12.31 -22.84
C GLN B 4 -28.02 13.02 -23.31
N SER B 5 -28.05 13.56 -24.52
CA SER B 5 -26.88 14.20 -25.10
C SER B 5 -26.31 15.27 -24.15
N THR B 6 -27.16 16.15 -23.65
CA THR B 6 -26.67 17.25 -22.82
C THR B 6 -26.01 16.74 -21.54
N LEU B 7 -26.66 15.80 -20.87
CA LEU B 7 -26.11 15.24 -19.63
C LEU B 7 -24.81 14.47 -19.89
N ARG B 8 -24.76 13.70 -20.97
CA ARG B 8 -23.58 12.91 -21.26
C ARG B 8 -22.41 13.79 -21.70
N ARG B 9 -22.69 14.83 -22.47
CA ARG B 9 -21.65 15.76 -22.89
C ARG B 9 -21.06 16.51 -21.71
N ALA B 10 -21.87 16.77 -20.68
CA ALA B 10 -21.37 17.46 -19.50
C ALA B 10 -20.40 16.59 -18.74
N ILE B 11 -20.65 15.27 -18.69
CA ILE B 11 -19.72 14.36 -18.03
C ILE B 11 -18.40 14.33 -18.78
N THR B 12 -18.45 14.10 -20.10
CA THR B 12 -17.22 14.03 -20.89
C THR B 12 -16.42 15.32 -20.82
N ALA B 13 -17.11 16.48 -20.87
CA ALA B 13 -16.41 17.76 -20.81
C ALA B 13 -15.70 17.95 -19.48
N ALA B 14 -16.23 17.39 -18.40
CA ALA B 14 -15.63 17.56 -17.08
C ALA B 14 -14.43 16.65 -16.84
N TYR B 15 -14.28 15.58 -17.64
CA TYR B 15 -13.34 14.49 -17.35
C TYR B 15 -11.99 14.98 -16.84
N ARG B 16 -11.36 15.86 -17.61
CA ARG B 16 -10.04 16.42 -17.32
C ARG B 16 -10.07 17.94 -17.40
N ARG B 17 -11.21 18.53 -17.02
CA ARG B 17 -11.33 19.98 -16.98
C ARG B 17 -10.38 20.54 -15.92
N PRO B 18 -9.75 21.69 -16.16
CA PRO B 18 -8.82 22.25 -15.17
C PRO B 18 -9.45 22.39 -13.79
N GLU B 19 -8.70 21.99 -12.77
CA GLU B 19 -9.20 21.99 -11.40
C GLU B 19 -9.72 23.37 -10.98
N THR B 20 -9.00 24.43 -11.33
CA THR B 20 -9.44 25.78 -10.99
C THR B 20 -10.80 26.11 -11.61
N GLU B 21 -11.11 25.54 -12.78
CA GLU B 21 -12.40 25.78 -13.41
C GLU B 21 -13.51 24.96 -12.78
N CYS B 22 -13.18 23.80 -12.19
CA CYS B 22 -14.22 22.97 -11.59
C CYS B 22 -14.73 23.53 -10.27
N LEU B 23 -13.89 24.28 -9.56
CA LEU B 23 -14.18 24.55 -8.16
C LEU B 23 -15.26 25.60 -7.87
N PRO B 24 -15.33 26.73 -8.59
CA PRO B 24 -16.27 27.80 -8.18
C PRO B 24 -17.71 27.33 -8.07
N PRO B 25 -18.26 26.56 -9.02
CA PRO B 25 -19.65 26.11 -8.82
C PRO B 25 -19.79 25.17 -7.63
N LEU B 26 -18.76 24.39 -7.32
CA LEU B 26 -18.82 23.52 -6.16
C LEU B 26 -18.77 24.32 -4.87
N VAL B 27 -17.90 25.32 -4.81
CA VAL B 27 -17.81 26.17 -3.63
C VAL B 27 -19.16 26.81 -3.33
N GLU B 28 -19.81 27.37 -4.35
CA GLU B 28 -21.11 28.00 -4.15
C GLU B 28 -22.14 26.99 -3.66
N ALA B 29 -22.21 25.82 -4.30
CA ALA B 29 -23.17 24.81 -3.88
C ALA B 29 -22.88 24.26 -2.49
N ALA B 30 -21.63 24.31 -2.04
CA ALA B 30 -21.24 23.79 -0.74
C ALA B 30 -21.31 24.81 0.38
N THR B 31 -21.57 26.07 0.07
CA THR B 31 -21.60 27.13 1.06
C THR B 31 -22.91 27.04 1.83
N GLN B 32 -22.82 26.93 3.16
CA GLN B 32 -23.99 26.90 4.01
C GLN B 32 -24.03 28.16 4.86
N SER B 33 -25.23 28.43 5.41
CA SER B 33 -25.41 29.63 6.21
C SER B 33 -24.56 29.57 7.48
N LYS B 34 -24.27 30.75 8.02
CA LYS B 34 -23.55 30.86 9.28
C LYS B 34 -24.26 30.09 10.39
N GLU B 35 -25.60 30.19 10.43
CA GLU B 35 -26.34 29.49 11.48
C GLU B 35 -26.16 27.99 11.37
N ILE B 36 -26.20 27.44 10.14
CA ILE B 36 -25.96 26.02 9.97
C ILE B 36 -24.51 25.68 10.28
N ARG B 37 -23.57 26.51 9.83
CA ARG B 37 -22.16 26.22 10.09
C ARG B 37 -21.87 26.19 11.59
N ASP B 38 -22.50 27.10 12.35
CA ASP B 38 -22.32 27.12 13.80
C ASP B 38 -22.86 25.85 14.43
N ALA B 39 -24.07 25.45 14.05
CA ALA B 39 -24.65 24.23 14.59
C ALA B 39 -23.83 23.01 14.20
N ALA B 40 -23.32 22.96 12.96
CA ALA B 40 -22.51 21.83 12.54
C ALA B 40 -21.19 21.77 13.31
N ALA B 41 -20.57 22.92 13.57
CA ALA B 41 -19.35 22.93 14.35
C ALA B 41 -19.57 22.36 15.75
N SER B 42 -20.71 22.70 16.36
CA SER B 42 -21.03 22.17 17.69
CA SER B 42 -21.01 22.17 17.69
C SER B 42 -21.25 20.67 17.64
N THR B 43 -21.93 20.19 16.61
CA THR B 43 -22.13 18.75 16.47
C THR B 43 -20.80 18.04 16.22
N ALA B 44 -19.97 18.58 15.33
CA ALA B 44 -18.68 17.96 15.06
C ALA B 44 -17.80 17.93 16.30
N ARG B 45 -17.81 19.01 17.08
CA ARG B 45 -17.04 19.04 18.32
C ARG B 45 -17.49 17.91 19.26
N LYS B 46 -18.81 17.76 19.42
CA LYS B 46 -19.34 16.72 20.29
C LYS B 46 -18.91 15.34 19.81
N LEU B 47 -19.03 15.09 18.50
CA LEU B 47 -18.67 13.78 17.96
C LEU B 47 -17.19 13.47 18.21
N ILE B 48 -16.33 14.45 18.01
CA ILE B 48 -14.90 14.22 18.22
C ILE B 48 -14.58 14.02 19.69
N GLU B 49 -15.16 14.85 20.56
CA GLU B 49 -14.90 14.69 21.98
C GLU B 49 -15.46 13.36 22.49
N ALA B 50 -16.59 12.91 21.93
CA ALA B 50 -17.16 11.64 22.37
C ALA B 50 -16.32 10.47 21.86
N LEU B 51 -15.86 10.59 20.62
CA LEU B 51 -15.00 9.58 20.00
C LEU B 51 -13.82 9.26 20.91
N ARG B 52 -13.06 10.29 21.29
CA ARG B 52 -11.91 10.08 22.15
C ARG B 52 -12.32 9.65 23.55
N GLY B 53 -13.39 10.25 24.08
CA GLY B 53 -13.78 9.96 25.45
C GLY B 53 -14.07 8.49 25.68
N LYS B 54 -14.71 7.83 24.72
CA LYS B 54 -15.05 6.43 24.85
C LYS B 54 -13.96 5.50 24.34
N HIS B 55 -12.87 6.03 23.79
CA HIS B 55 -11.81 5.20 23.21
C HIS B 55 -10.44 5.65 23.69
N SER B 56 -10.35 5.97 24.99
CA SER B 56 -9.08 6.23 25.67
C SER B 56 -8.29 7.36 25.04
N GLY B 57 -8.98 8.29 24.38
CA GLY B 57 -8.31 9.44 23.80
C GLY B 57 -8.00 9.28 22.33
N SER B 63 -4.60 -1.32 13.62
CA SER B 63 -3.65 -2.39 13.32
C SER B 63 -3.28 -2.40 11.84
N MET B 64 -1.98 -2.52 11.56
CA MET B 64 -1.51 -2.58 10.19
C MET B 64 -1.95 -3.87 9.50
N MET B 65 -1.95 -4.99 10.23
CA MET B 65 -2.33 -6.27 9.66
C MET B 65 -3.81 -6.37 9.32
N GLY B 66 -4.61 -5.41 9.74
CA GLY B 66 -5.93 -5.26 9.17
C GLY B 66 -6.90 -6.38 9.46
N GLU B 67 -6.66 -7.21 10.47
CA GLU B 67 -7.69 -8.16 10.88
C GLU B 67 -8.96 -7.43 11.29
N GLN B 68 -8.84 -6.21 11.80
CA GLN B 68 -10.01 -5.44 12.20
C GLN B 68 -10.82 -4.95 10.99
N PHE B 69 -10.31 -5.11 9.77
CA PHE B 69 -11.05 -4.67 8.58
C PHE B 69 -11.92 -5.75 7.96
N VAL B 70 -11.78 -7.01 8.36
CA VAL B 70 -12.54 -8.11 7.75
C VAL B 70 -13.55 -8.62 8.76
N THR B 71 -14.79 -8.80 8.32
CA THR B 71 -15.86 -9.22 9.20
CA THR B 71 -15.84 -9.22 9.22
C THR B 71 -15.91 -10.73 9.38
N GLY B 72 -15.52 -11.48 8.36
CA GLY B 72 -15.48 -12.94 8.47
C GLY B 72 -14.77 -13.53 7.28
N GLU B 73 -14.35 -14.79 7.44
CA GLU B 73 -13.74 -15.50 6.32
C GLU B 73 -14.77 -16.02 5.32
N THR B 74 -16.01 -16.22 5.76
CA THR B 74 -17.09 -16.67 4.90
C THR B 74 -18.31 -15.80 5.17
N ILE B 75 -19.26 -15.83 4.24
CA ILE B 75 -20.47 -15.05 4.41
C ILE B 75 -21.26 -15.53 5.62
N ARG B 76 -21.27 -16.85 5.86
CA ARG B 76 -21.97 -17.36 7.04
C ARG B 76 -21.38 -16.80 8.32
N GLU B 77 -20.05 -16.75 8.42
CA GLU B 77 -19.40 -16.18 9.59
C GLU B 77 -19.68 -14.68 9.71
N ALA B 78 -19.58 -13.95 8.60
CA ALA B 78 -19.83 -12.51 8.64
C ALA B 78 -21.26 -12.21 9.09
N LEU B 79 -22.23 -12.99 8.61
CA LEU B 79 -23.61 -12.74 8.98
C LEU B 79 -23.84 -12.99 10.47
N LYS B 80 -23.20 -14.03 11.02
CA LYS B 80 -23.33 -14.29 12.46
C LYS B 80 -22.79 -13.12 13.27
N ARG B 81 -21.68 -12.54 12.84
CA ARG B 81 -21.04 -11.46 13.59
C ARG B 81 -21.72 -10.12 13.41
N SER B 82 -22.80 -10.05 12.63
CA SER B 82 -23.48 -8.79 12.40
CA SER B 82 -23.50 -8.80 12.38
C SER B 82 -24.65 -8.54 13.34
N LYS B 83 -25.10 -9.57 14.07
CA LYS B 83 -26.30 -9.43 14.90
C LYS B 83 -26.18 -8.32 15.93
N GLU B 84 -25.01 -8.21 16.59
CA GLU B 84 -24.87 -7.26 17.68
C GLU B 84 -25.13 -5.83 17.21
N LEU B 85 -24.46 -5.41 16.13
CA LEU B 85 -24.62 -4.05 15.66
C LEU B 85 -25.95 -3.83 14.95
N GLU B 86 -26.52 -4.86 14.34
CA GLU B 86 -27.86 -4.71 13.76
C GLU B 86 -28.89 -4.44 14.85
N GLU B 87 -28.71 -5.07 16.02
CA GLU B 87 -29.62 -4.83 17.14
C GLU B 87 -29.62 -3.37 17.55
N LYS B 88 -28.48 -2.69 17.41
CA LYS B 88 -28.36 -1.28 17.79
C LYS B 88 -28.91 -0.32 16.74
N GLY B 89 -29.16 -0.79 15.52
CA GLY B 89 -29.66 0.08 14.47
C GLY B 89 -28.72 0.25 13.29
N PHE B 90 -27.57 -0.43 13.29
CA PHE B 90 -26.74 -0.46 12.10
C PHE B 90 -27.30 -1.45 11.09
N SER B 91 -26.96 -1.25 9.83
CA SER B 91 -27.18 -2.22 8.76
C SER B 91 -25.83 -2.56 8.13
N TYR B 92 -25.84 -3.47 7.15
CA TYR B 92 -24.61 -3.98 6.55
C TYR B 92 -24.70 -4.02 5.04
N SER B 93 -23.54 -3.88 4.41
CA SER B 93 -23.34 -4.20 2.99
C SER B 93 -22.10 -5.09 2.90
N TYR B 94 -22.28 -6.33 2.47
CA TYR B 94 -21.18 -7.28 2.47
C TYR B 94 -20.40 -7.23 1.17
N ASP B 95 -19.08 -7.30 1.29
CA ASP B 95 -18.16 -7.25 0.17
C ASP B 95 -17.36 -8.55 0.16
N MET B 96 -17.68 -9.43 -0.78
CA MET B 96 -16.84 -10.60 -1.00
C MET B 96 -15.54 -10.14 -1.63
N LEU B 97 -14.45 -10.19 -0.87
CA LEU B 97 -13.21 -9.59 -1.32
C LEU B 97 -12.70 -10.27 -2.58
N GLY B 98 -12.09 -9.47 -3.45
CA GLY B 98 -11.58 -9.99 -4.70
C GLY B 98 -11.89 -9.02 -5.82
N GLU B 99 -10.91 -8.75 -6.66
CA GLU B 99 -11.07 -7.75 -7.70
C GLU B 99 -10.03 -8.02 -8.77
N ALA B 100 -10.15 -7.28 -9.89
CA ALA B 100 -9.16 -7.31 -10.95
C ALA B 100 -8.87 -8.75 -11.40
N ALA B 101 -9.93 -9.47 -11.73
CA ALA B 101 -9.78 -10.83 -12.24
C ALA B 101 -8.85 -10.83 -13.43
N THR B 102 -7.90 -11.77 -13.45
CA THR B 102 -6.95 -11.87 -14.55
C THR B 102 -7.27 -12.98 -15.54
N THR B 103 -8.12 -13.93 -15.16
CA THR B 103 -8.50 -15.02 -16.05
C THR B 103 -10.02 -15.14 -16.09
N ALA B 104 -10.52 -15.80 -17.13
CA ALA B 104 -11.95 -16.09 -17.21
C ALA B 104 -12.39 -16.99 -16.06
N ALA B 105 -11.53 -17.93 -15.65
CA ALA B 105 -11.86 -18.80 -14.54
C ALA B 105 -11.97 -18.02 -13.23
N ASP B 106 -11.08 -17.05 -13.01
CA ASP B 106 -11.17 -16.22 -11.81
C ASP B 106 -12.46 -15.42 -11.79
N ALA B 107 -12.83 -14.82 -12.93
CA ALA B 107 -14.07 -14.06 -12.98
C ALA B 107 -15.28 -14.94 -12.69
N GLU B 108 -15.27 -16.18 -13.16
CA GLU B 108 -16.37 -17.11 -12.87
C GLU B 108 -16.40 -17.46 -11.39
N ARG B 109 -15.23 -17.62 -10.77
CA ARG B 109 -15.19 -17.91 -9.34
C ARG B 109 -15.75 -16.76 -8.52
N TYR B 110 -15.38 -15.52 -8.86
CA TYR B 110 -15.94 -14.36 -8.17
C TYR B 110 -17.44 -14.28 -8.36
N TYR B 111 -17.91 -14.55 -9.58
CA TYR B 111 -19.35 -14.55 -9.81
C TYR B 111 -20.06 -15.52 -8.88
N ARG B 112 -19.53 -16.74 -8.76
CA ARG B 112 -20.16 -17.75 -7.90
C ARG B 112 -20.08 -17.36 -6.44
N ASP B 113 -19.02 -16.67 -6.03
CA ASP B 113 -18.93 -16.15 -4.66
C ASP B 113 -20.04 -15.13 -4.40
N TYR B 114 -20.24 -14.18 -5.33
CA TYR B 114 -21.30 -13.20 -5.17
C TYR B 114 -22.66 -13.87 -5.16
N GLU B 115 -22.88 -14.81 -6.08
CA GLU B 115 -24.16 -15.49 -6.18
C GLU B 115 -24.53 -16.20 -4.89
N SER B 116 -23.60 -16.97 -4.32
CA SER B 116 -23.86 -17.65 -3.06
CA SER B 116 -23.89 -17.65 -3.07
C SER B 116 -24.06 -16.65 -1.94
N ALA B 117 -23.30 -15.56 -1.94
CA ALA B 117 -23.46 -14.54 -0.92
C ALA B 117 -24.87 -13.94 -0.95
N ILE B 118 -25.42 -13.68 -2.14
CA ILE B 118 -26.75 -13.09 -2.21
C ILE B 118 -27.80 -14.01 -1.61
N HIS B 119 -27.72 -15.32 -1.89
CA HIS B 119 -28.63 -16.26 -1.26
C HIS B 119 -28.52 -16.20 0.26
N ALA B 120 -27.30 -16.19 0.79
CA ALA B 120 -27.12 -16.19 2.23
C ALA B 120 -27.59 -14.88 2.85
N ILE B 121 -27.22 -13.76 2.23
CA ILE B 121 -27.63 -12.45 2.73
C ILE B 121 -29.14 -12.30 2.62
N GLY B 122 -29.72 -12.75 1.51
CA GLY B 122 -31.16 -12.66 1.34
C GLY B 122 -31.93 -13.47 2.37
N LYS B 123 -31.43 -14.66 2.71
CA LYS B 123 -32.05 -15.43 3.77
C LYS B 123 -31.95 -14.71 5.11
N ALA B 124 -30.77 -14.16 5.42
CA ALA B 124 -30.60 -13.43 6.67
C ALA B 124 -31.48 -12.20 6.72
N SER B 125 -31.64 -11.51 5.59
CA SER B 125 -32.48 -10.32 5.55
C SER B 125 -33.91 -10.64 5.97
N ALA B 126 -34.44 -11.77 5.49
CA ALA B 126 -35.74 -12.28 5.94
C ALA B 126 -36.84 -11.24 5.74
N GLY B 127 -36.81 -10.58 4.57
CA GLY B 127 -37.86 -9.66 4.22
C GLY B 127 -37.76 -8.28 4.85
N ARG B 128 -36.61 -7.93 5.44
CA ARG B 128 -36.47 -6.60 6.02
C ARG B 128 -36.40 -5.51 4.96
N GLY B 129 -36.15 -5.85 3.71
CA GLY B 129 -36.11 -4.85 2.67
C GLY B 129 -34.76 -4.16 2.53
N ILE B 130 -34.72 -3.24 1.58
CA ILE B 130 -33.43 -2.70 1.14
C ILE B 130 -32.84 -1.66 2.09
N TYR B 131 -33.64 -1.03 2.95
CA TYR B 131 -33.14 0.01 3.84
C TYR B 131 -32.80 -0.54 5.22
N GLU B 132 -33.68 -1.34 5.81
CA GLU B 132 -33.41 -1.87 7.14
C GLU B 132 -32.57 -3.13 7.11
N GLY B 133 -32.58 -3.87 6.01
CA GLY B 133 -31.88 -5.13 5.94
C GLY B 133 -30.56 -5.02 5.20
N PRO B 134 -29.78 -6.10 5.24
CA PRO B 134 -28.45 -6.09 4.65
C PRO B 134 -28.50 -6.13 3.13
N GLY B 135 -27.38 -5.70 2.52
CA GLY B 135 -27.21 -5.81 1.09
C GLY B 135 -25.82 -6.30 0.74
N ILE B 136 -25.48 -6.22 -0.54
CA ILE B 136 -24.19 -6.67 -1.05
C ILE B 136 -23.58 -5.55 -1.88
N SER B 137 -22.25 -5.53 -1.94
CA SER B 137 -21.51 -4.66 -2.84
C SER B 137 -20.63 -5.51 -3.73
N ILE B 138 -20.56 -5.15 -5.02
CA ILE B 138 -19.77 -5.89 -5.99
C ILE B 138 -18.81 -4.95 -6.70
N LYS B 139 -17.74 -5.54 -7.25
CA LYS B 139 -16.80 -4.81 -8.09
C LYS B 139 -16.85 -5.40 -9.49
N LEU B 140 -17.07 -4.55 -10.49
CA LEU B 140 -17.12 -5.01 -11.86
C LEU B 140 -15.79 -5.64 -12.30
N SER B 141 -14.66 -5.17 -11.76
CA SER B 141 -13.38 -5.75 -12.17
C SER B 141 -13.24 -7.21 -11.74
N ALA B 142 -14.02 -7.67 -10.76
CA ALA B 142 -13.98 -9.07 -10.37
C ALA B 142 -14.67 -9.97 -11.38
N LEU B 143 -15.55 -9.41 -12.22
CA LEU B 143 -16.47 -10.19 -13.01
C LEU B 143 -16.13 -10.24 -14.49
N HIS B 144 -15.11 -9.50 -14.93
CA HIS B 144 -14.62 -9.59 -16.30
C HIS B 144 -13.10 -9.75 -16.27
N PRO B 145 -12.56 -10.74 -16.98
CA PRO B 145 -11.13 -11.03 -16.85
C PRO B 145 -10.20 -9.96 -17.38
N ARG B 146 -10.67 -9.06 -18.23
CA ARG B 146 -9.78 -8.06 -18.78
C ARG B 146 -10.35 -6.67 -18.55
N TYR B 147 -10.90 -6.43 -17.36
CA TYR B 147 -11.80 -5.29 -17.16
C TYR B 147 -11.13 -3.97 -17.55
N SER B 148 -9.89 -3.76 -17.09
CA SER B 148 -9.21 -2.49 -17.33
C SER B 148 -8.68 -2.34 -18.74
N ARG B 149 -8.60 -3.43 -19.51
CA ARG B 149 -7.89 -3.40 -20.79
C ARG B 149 -8.78 -3.63 -22.00
N ALA B 150 -9.82 -4.44 -21.89
CA ALA B 150 -10.62 -4.82 -23.05
C ALA B 150 -11.54 -3.68 -23.47
N GLN B 151 -11.85 -3.65 -24.77
CA GLN B 151 -12.77 -2.66 -25.30
C GLN B 151 -14.12 -2.76 -24.60
N ALA B 152 -14.80 -1.61 -24.47
CA ALA B 152 -16.05 -1.56 -23.73
C ALA B 152 -17.13 -2.43 -24.34
N ALA B 153 -17.10 -2.63 -25.66
CA ALA B 153 -18.08 -3.48 -26.31
C ALA B 153 -17.95 -4.92 -25.83
N ARG B 154 -16.72 -5.42 -25.73
CA ARG B 154 -16.52 -6.79 -25.26
C ARG B 154 -16.83 -6.92 -23.78
N VAL B 155 -16.42 -5.93 -22.99
CA VAL B 155 -16.69 -5.98 -21.55
C VAL B 155 -18.18 -5.92 -21.29
N MET B 156 -18.89 -5.00 -21.95
CA MET B 156 -20.34 -4.88 -21.74
C MET B 156 -21.06 -6.17 -22.08
N GLY B 157 -20.83 -6.71 -23.27
CA GLY B 157 -21.59 -7.86 -23.76
C GLY B 157 -21.45 -9.11 -22.90
N GLU B 158 -20.35 -9.23 -22.16
CA GLU B 158 -20.15 -10.36 -21.26
C GLU B 158 -20.48 -10.03 -19.81
N LEU B 159 -20.26 -8.78 -19.40
CA LEU B 159 -20.50 -8.39 -18.02
C LEU B 159 -21.98 -8.16 -17.75
N LEU B 160 -22.70 -7.58 -18.71
CA LEU B 160 -24.11 -7.27 -18.50
C LEU B 160 -24.95 -8.47 -18.10
N PRO B 161 -24.88 -9.63 -18.78
CA PRO B 161 -25.68 -10.76 -18.32
C PRO B 161 -25.33 -11.23 -16.92
N ARG B 162 -24.05 -11.16 -16.55
CA ARG B 162 -23.65 -11.57 -15.21
C ARG B 162 -24.20 -10.62 -14.16
N VAL B 163 -24.06 -9.32 -14.38
CA VAL B 163 -24.55 -8.37 -13.37
C VAL B 163 -26.07 -8.40 -13.31
N LYS B 164 -26.74 -8.53 -14.46
CA LYS B 164 -28.19 -8.67 -14.47
C LYS B 164 -28.63 -9.87 -13.64
N ALA B 165 -27.91 -10.99 -13.78
CA ALA B 165 -28.31 -12.18 -13.03
C ALA B 165 -28.16 -11.97 -11.53
N LEU B 166 -27.08 -11.32 -11.10
CA LEU B 166 -26.93 -11.02 -9.68
C LEU B 166 -28.01 -10.05 -9.22
N ALA B 167 -28.32 -9.04 -10.04
CA ALA B 167 -29.36 -8.08 -9.68
C ALA B 167 -30.73 -8.76 -9.56
N LEU B 168 -31.01 -9.73 -10.45
CA LEU B 168 -32.26 -10.47 -10.35
C LEU B 168 -32.36 -11.24 -9.04
N LEU B 169 -31.26 -11.89 -8.62
CA LEU B 169 -31.26 -12.59 -7.34
C LEU B 169 -31.49 -11.62 -6.20
N ALA B 170 -30.83 -10.45 -6.24
CA ALA B 170 -31.04 -9.45 -5.20
C ALA B 170 -32.49 -8.96 -5.19
N LYS B 171 -33.06 -8.75 -6.38
CA LYS B 171 -34.48 -8.41 -6.45
C LYS B 171 -35.34 -9.48 -5.81
N ASN B 172 -35.02 -10.75 -6.08
CA ASN B 172 -35.80 -11.87 -5.56
C ASN B 172 -35.82 -11.92 -4.04
N TYR B 173 -34.78 -11.42 -3.39
CA TYR B 173 -34.72 -11.38 -1.94
C TYR B 173 -35.01 -9.99 -1.38
N ASP B 174 -35.21 -9.01 -2.25
CA ASP B 174 -35.41 -7.62 -1.87
C ASP B 174 -34.28 -7.10 -1.00
N ILE B 175 -33.05 -7.22 -1.50
CA ILE B 175 -31.88 -6.67 -0.84
C ILE B 175 -31.19 -5.68 -1.77
N GLY B 176 -30.32 -4.86 -1.18
CA GLY B 176 -29.56 -3.90 -1.97
C GLY B 176 -28.39 -4.57 -2.67
N LEU B 177 -28.10 -4.10 -3.88
CA LEU B 177 -26.92 -4.55 -4.63
C LEU B 177 -26.22 -3.30 -5.16
N ASN B 178 -25.04 -3.02 -4.65
CA ASN B 178 -24.30 -1.81 -4.98
C ASN B 178 -23.11 -2.12 -5.87
N ILE B 179 -22.91 -1.33 -6.92
CA ILE B 179 -21.71 -1.40 -7.75
C ILE B 179 -20.68 -0.43 -7.17
N ASP B 180 -19.60 -0.96 -6.62
CA ASP B 180 -18.52 -0.11 -6.13
C ASP B 180 -17.88 0.63 -7.29
N ALA B 181 -17.33 1.81 -6.98
CA ALA B 181 -16.58 2.56 -7.97
C ALA B 181 -15.09 2.26 -7.86
N GLU B 182 -14.44 2.04 -9.00
CA GLU B 182 -13.03 1.68 -9.02
C GLU B 182 -12.22 2.78 -9.70
N GLU B 183 -11.34 2.45 -10.64
CA GLU B 183 -10.50 3.48 -11.23
C GLU B 183 -11.30 4.40 -12.14
N ALA B 184 -10.79 5.63 -12.30
CA ALA B 184 -11.48 6.65 -13.08
C ALA B 184 -11.76 6.21 -14.50
N ASP B 185 -10.89 5.40 -15.11
CA ASP B 185 -11.09 5.08 -16.50
C ASP B 185 -12.22 4.07 -16.72
N ARG B 186 -12.79 3.52 -15.66
CA ARG B 186 -13.91 2.60 -15.80
C ARG B 186 -15.24 3.19 -15.39
N LEU B 187 -15.27 4.47 -15.01
CA LEU B 187 -16.52 5.12 -14.65
C LEU B 187 -17.52 5.04 -15.79
N GLU B 188 -17.13 5.41 -17.00
CA GLU B 188 -18.07 5.51 -18.10
C GLU B 188 -18.76 4.18 -18.37
N LEU B 189 -17.99 3.09 -18.42
CA LEU B 189 -18.56 1.78 -18.68
C LEU B 189 -19.55 1.41 -17.59
N SER B 190 -19.15 1.61 -16.32
CA SER B 190 -20.02 1.21 -15.22
C SER B 190 -21.32 1.99 -15.23
N LEU B 191 -21.27 3.26 -15.65
CA LEU B 191 -22.47 4.09 -15.67
C LEU B 191 -23.40 3.65 -16.80
N ASP B 192 -22.84 3.30 -17.96
CA ASP B 192 -23.64 2.75 -19.05
C ASP B 192 -24.33 1.46 -18.63
N LEU B 193 -23.63 0.65 -17.84
CA LEU B 193 -24.22 -0.59 -17.35
C LEU B 193 -25.36 -0.30 -16.37
N LEU B 194 -25.17 0.70 -15.49
CA LEU B 194 -26.23 1.08 -14.57
C LEU B 194 -27.48 1.49 -15.33
N GLU B 195 -27.30 2.26 -16.41
CA GLU B 195 -28.44 2.70 -17.19
C GLU B 195 -29.21 1.52 -17.78
N VAL B 196 -28.50 0.57 -18.38
CA VAL B 196 -29.17 -0.56 -19.02
C VAL B 196 -29.95 -1.37 -18.00
N LEU B 197 -29.36 -1.58 -16.82
CA LEU B 197 -30.05 -2.32 -15.77
C LEU B 197 -31.27 -1.58 -15.26
N CYS B 198 -31.16 -0.25 -15.07
CA CYS B 198 -32.29 0.50 -14.56
C CYS B 198 -33.46 0.57 -15.54
N LEU B 199 -33.20 0.41 -16.83
CA LEU B 199 -34.23 0.41 -17.85
C LEU B 199 -34.69 -0.99 -18.22
N ASP B 200 -34.15 -2.02 -17.57
CA ASP B 200 -34.51 -3.40 -17.85
C ASP B 200 -35.77 -3.76 -17.08
N GLY B 201 -36.85 -4.05 -17.81
CA GLY B 201 -38.12 -4.34 -17.16
C GLY B 201 -38.11 -5.57 -16.29
N ASP B 202 -37.15 -6.48 -16.50
CA ASP B 202 -37.09 -7.67 -15.64
C ASP B 202 -36.76 -7.31 -14.20
N LEU B 203 -36.19 -6.14 -13.95
CA LEU B 203 -35.85 -5.71 -12.60
C LEU B 203 -36.88 -4.76 -12.02
N SER B 204 -38.05 -4.64 -12.64
CA SER B 204 -39.04 -3.67 -12.20
C SER B 204 -39.53 -4.00 -10.79
N GLY B 205 -39.85 -2.95 -10.04
CA GLY B 205 -40.40 -3.09 -8.73
C GLY B 205 -39.40 -3.18 -7.62
N TRP B 206 -38.10 -3.21 -7.95
CA TRP B 206 -37.02 -3.36 -6.98
C TRP B 206 -36.18 -2.10 -7.02
N ASN B 207 -36.02 -1.47 -5.86
CA ASN B 207 -35.22 -0.25 -5.74
C ASN B 207 -33.87 -0.51 -5.09
N GLY B 208 -33.39 -1.73 -5.14
CA GLY B 208 -32.13 -2.06 -4.49
C GLY B 208 -30.88 -1.82 -5.30
N MET B 209 -30.98 -1.44 -6.57
CA MET B 209 -29.77 -1.18 -7.33
C MET B 209 -29.07 0.07 -6.80
N GLY B 210 -27.77 -0.06 -6.54
CA GLY B 210 -27.00 1.04 -6.02
C GLY B 210 -25.72 1.28 -6.81
N PHE B 211 -25.20 2.50 -6.67
CA PHE B 211 -24.06 2.92 -7.46
C PHE B 211 -23.28 3.95 -6.66
N VAL B 212 -21.95 3.85 -6.71
CA VAL B 212 -21.06 4.77 -6.00
C VAL B 212 -20.60 5.86 -6.95
N VAL B 213 -20.52 7.09 -6.43
CA VAL B 213 -19.89 8.20 -7.15
CA VAL B 213 -19.89 8.19 -7.15
C VAL B 213 -18.80 8.80 -6.26
N GLN B 214 -17.64 9.05 -6.85
CA GLN B 214 -16.45 9.50 -6.12
C GLN B 214 -16.28 11.01 -6.24
N ALA B 215 -16.39 11.71 -5.13
CA ALA B 215 -16.33 13.16 -5.12
C ALA B 215 -14.92 13.70 -5.36
N TYR B 216 -13.89 12.86 -5.28
CA TYR B 216 -12.57 13.35 -5.71
C TYR B 216 -12.46 13.47 -7.22
N GLY B 217 -13.49 13.04 -7.95
CA GLY B 217 -13.48 13.08 -9.41
C GLY B 217 -14.16 14.34 -9.94
N LYS B 218 -13.56 14.91 -10.98
CA LYS B 218 -14.10 16.13 -11.60
C LYS B 218 -15.47 15.89 -12.23
N ARG B 219 -15.81 14.65 -12.59
CA ARG B 219 -17.09 14.37 -13.21
C ARG B 219 -18.22 14.18 -12.21
N CYS B 220 -17.93 14.13 -10.91
CA CYS B 220 -18.91 13.71 -9.91
C CYS B 220 -20.26 14.43 -9.99
N PRO B 221 -20.34 15.77 -10.01
CA PRO B 221 -21.68 16.40 -10.02
C PRO B 221 -22.45 16.10 -11.29
N PHE B 222 -21.74 15.93 -12.39
CA PHE B 222 -22.38 15.67 -13.67
C PHE B 222 -22.82 14.22 -13.78
N VAL B 223 -22.05 13.31 -13.20
CA VAL B 223 -22.51 11.93 -13.07
C VAL B 223 -23.77 11.88 -12.21
N LEU B 224 -23.80 12.63 -11.11
CA LEU B 224 -24.99 12.68 -10.26
C LEU B 224 -26.19 13.23 -11.03
N ASP B 225 -26.00 14.30 -11.82
CA ASP B 225 -27.10 14.81 -12.64
C ASP B 225 -27.66 13.70 -13.54
N PHE B 226 -26.77 12.92 -14.16
CA PHE B 226 -27.19 11.85 -15.05
C PHE B 226 -27.94 10.78 -14.27
N ILE B 227 -27.45 10.41 -13.08
CA ILE B 227 -28.09 9.36 -12.28
C ILE B 227 -29.46 9.79 -11.79
N ILE B 228 -29.59 11.03 -11.31
CA ILE B 228 -30.88 11.52 -10.85
C ILE B 228 -31.88 11.55 -12.00
N ASP B 229 -31.45 11.99 -13.17
CA ASP B 229 -32.34 11.95 -14.33
C ASP B 229 -32.68 10.53 -14.74
N LEU B 230 -31.71 9.61 -14.64
CA LEU B 230 -31.98 8.20 -14.94
C LEU B 230 -33.02 7.64 -13.98
N ALA B 231 -32.92 7.99 -12.70
CA ALA B 231 -33.93 7.57 -11.74
C ALA B 231 -35.31 8.08 -12.15
N ARG B 232 -35.40 9.33 -12.59
CA ARG B 232 -36.68 9.89 -12.96
C ARG B 232 -37.27 9.20 -14.18
N ARG B 233 -36.45 8.87 -15.18
CA ARG B 233 -37.03 8.25 -16.37
C ARG B 233 -37.20 6.75 -16.26
N SER B 234 -36.47 6.10 -15.37
CA SER B 234 -36.59 4.65 -15.23
C SER B 234 -37.64 4.24 -14.21
N GLY B 235 -38.00 5.12 -13.30
CA GLY B 235 -38.88 4.77 -12.19
C GLY B 235 -38.19 4.05 -11.05
N ARG B 236 -36.87 3.93 -11.08
CA ARG B 236 -36.13 3.26 -10.02
C ARG B 236 -35.61 4.31 -9.07
N ARG B 237 -35.78 4.08 -7.76
CA ARG B 237 -35.13 4.93 -6.74
C ARG B 237 -33.73 4.38 -6.53
N ILE B 238 -32.76 4.98 -7.21
CA ILE B 238 -31.41 4.45 -7.23
C ILE B 238 -30.73 4.78 -5.91
N MET B 239 -30.07 3.79 -5.32
CA MET B 239 -29.27 4.03 -4.12
C MET B 239 -27.95 4.61 -4.59
N VAL B 240 -27.57 5.77 -4.06
CA VAL B 240 -26.36 6.46 -4.51
C VAL B 240 -25.44 6.62 -3.32
N ARG B 241 -24.31 5.89 -3.32
CA ARG B 241 -23.30 6.04 -2.29
C ARG B 241 -22.32 7.12 -2.70
N LEU B 242 -22.31 8.23 -1.96
CA LEU B 242 -21.37 9.32 -2.20
C LEU B 242 -20.14 9.05 -1.34
N VAL B 243 -18.98 8.93 -1.98
CA VAL B 243 -17.71 8.71 -1.31
C VAL B 243 -16.77 9.80 -1.77
N LYS B 244 -15.64 9.94 -1.07
CA LYS B 244 -14.56 10.77 -1.60
C LYS B 244 -13.78 9.98 -2.63
N GLY B 245 -13.18 8.87 -2.25
CA GLY B 245 -12.58 7.98 -3.24
C GLY B 245 -11.37 7.27 -2.65
N ALA B 246 -11.15 6.03 -3.10
CA ALA B 246 -10.17 5.16 -2.47
C ALA B 246 -8.88 5.00 -3.23
N TYR B 247 -8.79 5.54 -4.45
CA TYR B 247 -7.68 5.24 -5.35
C TYR B 247 -6.84 6.47 -5.66
N TRP B 248 -6.84 7.48 -4.79
CA TRP B 248 -6.22 8.76 -5.13
C TRP B 248 -4.76 8.61 -5.52
N ASP B 249 -3.97 7.90 -4.70
CA ASP B 249 -2.54 7.79 -5.00
C ASP B 249 -2.30 7.11 -6.34
N ALA B 250 -3.09 6.08 -6.63
CA ALA B 250 -2.93 5.39 -7.91
C ALA B 250 -3.37 6.27 -9.07
N GLU B 251 -4.43 7.06 -8.90
CA GLU B 251 -4.87 7.94 -9.99
C GLU B 251 -3.84 9.01 -10.30
N ILE B 252 -3.20 9.57 -9.27
CA ILE B 252 -2.14 10.54 -9.51
C ILE B 252 -1.01 9.90 -10.29
N LYS B 253 -0.59 8.70 -9.88
CA LYS B 253 0.51 8.02 -10.58
C LYS B 253 0.12 7.68 -12.02
N ARG B 254 -1.10 7.20 -12.21
CA ARG B 254 -1.56 6.84 -13.56
C ARG B 254 -1.61 8.06 -14.48
N ALA B 255 -2.13 9.18 -13.99
CA ALA B 255 -2.23 10.38 -14.82
C ALA B 255 -0.86 10.89 -15.21
N GLN B 256 0.11 10.81 -14.30
CA GLN B 256 1.48 11.18 -14.63
C GLN B 256 2.04 10.28 -15.71
N LEU B 257 1.82 8.96 -15.58
CA LEU B 257 2.31 8.02 -16.59
C LEU B 257 1.54 8.11 -17.89
N ASP B 258 0.32 8.67 -17.87
CA ASP B 258 -0.46 8.90 -19.07
C ASP B 258 -0.06 10.20 -19.79
N GLY B 259 0.85 10.99 -19.22
CA GLY B 259 1.23 12.23 -19.87
C GLY B 259 0.21 13.34 -19.79
N LEU B 260 -0.73 13.25 -18.86
CA LEU B 260 -1.83 14.20 -18.78
C LEU B 260 -1.35 15.53 -18.22
N ALA B 261 -1.88 16.62 -18.78
CA ALA B 261 -1.68 17.94 -18.22
C ALA B 261 -2.69 18.28 -17.13
N ASP B 262 -3.88 17.68 -17.19
CA ASP B 262 -4.92 17.83 -16.18
C ASP B 262 -5.47 16.46 -15.86
N PHE B 263 -5.54 16.13 -14.57
CA PHE B 263 -5.88 14.81 -14.07
C PHE B 263 -7.38 14.65 -13.92
N PRO B 264 -7.88 13.40 -13.82
CA PRO B 264 -9.32 13.19 -13.61
C PRO B 264 -9.78 13.32 -12.18
N VAL B 265 -8.88 13.58 -11.24
CA VAL B 265 -9.20 13.78 -9.84
C VAL B 265 -8.58 15.09 -9.39
N PHE B 266 -9.13 15.62 -8.30
CA PHE B 266 -8.56 16.80 -7.66
C PHE B 266 -7.24 16.44 -7.02
N THR B 267 -6.36 17.44 -6.88
CA THR B 267 -5.06 17.25 -6.26
C THR B 267 -4.89 17.98 -4.94
N ARG B 268 -5.85 18.81 -4.55
CA ARG B 268 -5.90 19.44 -3.25
C ARG B 268 -7.00 18.78 -2.44
N LYS B 269 -6.66 18.28 -1.25
CA LYS B 269 -7.60 17.47 -0.48
C LYS B 269 -8.87 18.25 -0.14
N ILE B 270 -8.73 19.50 0.29
CA ILE B 270 -9.95 20.24 0.63
C ILE B 270 -10.86 20.47 -0.57
N HIS B 271 -10.32 20.41 -1.80
CA HIS B 271 -11.20 20.47 -2.97
C HIS B 271 -12.12 19.26 -3.04
N THR B 272 -11.61 18.07 -2.69
CA THR B 272 -12.48 16.90 -2.61
C THR B 272 -13.54 17.09 -1.54
N ASP B 273 -13.19 17.69 -0.40
CA ASP B 273 -14.19 17.95 0.64
C ASP B 273 -15.29 18.87 0.15
N VAL B 274 -14.92 19.94 -0.55
CA VAL B 274 -15.91 20.87 -1.10
C VAL B 274 -16.79 20.16 -2.11
N SER B 275 -16.18 19.38 -2.99
CA SER B 275 -16.93 18.60 -3.97
C SER B 275 -17.93 17.67 -3.28
N TYR B 276 -17.52 16.99 -2.21
CA TYR B 276 -18.41 16.09 -1.50
C TYR B 276 -19.61 16.84 -0.95
N ILE B 277 -19.39 17.99 -0.33
CA ILE B 277 -20.51 18.72 0.26
C ILE B 277 -21.44 19.28 -0.81
N ALA B 278 -20.88 19.78 -1.91
CA ALA B 278 -21.72 20.25 -3.02
C ALA B 278 -22.58 19.12 -3.55
N CYS B 279 -21.98 17.94 -3.71
CA CYS B 279 -22.73 16.81 -4.24
C CYS B 279 -23.75 16.30 -3.24
N ALA B 280 -23.46 16.39 -1.94
CA ALA B 280 -24.46 16.04 -0.94
C ALA B 280 -25.67 16.94 -1.03
N ALA B 281 -25.46 18.24 -1.28
CA ALA B 281 -26.57 19.16 -1.43
C ALA B 281 -27.44 18.75 -2.63
N LYS B 282 -26.80 18.32 -3.71
CA LYS B 282 -27.55 17.86 -4.88
C LYS B 282 -28.38 16.63 -4.55
N LEU B 283 -27.79 15.66 -3.85
CA LEU B 283 -28.50 14.43 -3.51
C LEU B 283 -29.63 14.69 -2.53
N LEU B 284 -29.41 15.56 -1.54
CA LEU B 284 -30.45 15.83 -0.54
C LEU B 284 -31.66 16.53 -1.15
N ALA B 285 -31.52 17.15 -2.32
CA ALA B 285 -32.65 17.77 -2.98
C ALA B 285 -33.40 16.81 -3.90
N ALA B 286 -32.96 15.55 -3.98
CA ALA B 286 -33.52 14.57 -4.92
C ALA B 286 -33.92 13.28 -4.20
N THR B 287 -34.23 13.34 -2.91
CA THR B 287 -34.54 12.11 -2.18
C THR B 287 -35.84 11.45 -2.64
N ASP B 288 -36.65 12.13 -3.46
CA ASP B 288 -37.81 11.47 -4.06
C ASP B 288 -37.41 10.38 -5.04
N VAL B 289 -36.24 10.50 -5.66
CA VAL B 289 -35.88 9.59 -6.75
C VAL B 289 -34.54 8.90 -6.54
N VAL B 290 -33.73 9.32 -5.57
CA VAL B 290 -32.54 8.58 -5.18
C VAL B 290 -32.53 8.43 -3.67
N PHE B 291 -31.78 7.42 -3.21
CA PHE B 291 -31.55 7.19 -1.78
C PHE B 291 -30.10 7.52 -1.49
N PRO B 292 -29.80 8.70 -0.96
CA PRO B 292 -28.39 9.05 -0.73
C PRO B 292 -27.81 8.28 0.43
N GLN B 293 -26.56 7.86 0.25
CA GLN B 293 -25.83 7.09 1.25
C GLN B 293 -24.49 7.79 1.44
N PHE B 294 -24.33 8.49 2.56
CA PHE B 294 -23.17 9.36 2.76
C PHE B 294 -22.08 8.57 3.48
N ALA B 295 -21.13 8.07 2.71
CA ALA B 295 -20.02 7.26 3.23
C ALA B 295 -18.89 8.19 3.64
N THR B 296 -18.58 8.23 4.93
CA THR B 296 -17.46 9.05 5.42
C THR B 296 -17.13 8.66 6.85
N HIS B 297 -15.86 8.81 7.22
CA HIS B 297 -15.43 8.70 8.61
C HIS B 297 -15.07 10.05 9.19
N ASN B 298 -15.30 11.12 8.44
CA ASN B 298 -14.89 12.46 8.84
C ASN B 298 -16.05 13.11 9.60
N ALA B 299 -15.84 13.37 10.89
CA ALA B 299 -16.94 13.88 11.73
C ALA B 299 -17.40 15.26 11.28
N GLN B 300 -16.51 16.06 10.70
CA GLN B 300 -16.92 17.37 10.19
C GLN B 300 -17.82 17.22 8.97
N THR B 301 -17.46 16.32 8.04
CA THR B 301 -18.30 16.06 6.88
C THR B 301 -19.67 15.56 7.32
N LEU B 302 -19.68 14.62 8.27
CA LEU B 302 -20.92 14.05 8.77
C LEU B 302 -21.80 15.13 9.36
N ALA B 303 -21.24 15.96 10.24
CA ALA B 303 -22.04 17.00 10.87
C ALA B 303 -22.59 17.99 9.84
N ALA B 304 -21.79 18.33 8.82
CA ALA B 304 -22.25 19.27 7.81
C ALA B 304 -23.47 18.74 7.08
N ILE B 305 -23.44 17.45 6.72
CA ILE B 305 -24.55 16.85 6.00
C ILE B 305 -25.76 16.69 6.91
N TYR B 306 -25.54 16.28 8.16
CA TYR B 306 -26.62 16.14 9.12
C TYR B 306 -27.43 17.44 9.23
N HIS B 307 -26.74 18.57 9.36
CA HIS B 307 -27.45 19.85 9.44
C HIS B 307 -27.97 20.31 8.08
N MET B 308 -27.26 20.01 7.00
CA MET B 308 -27.76 20.35 5.67
C MET B 308 -29.10 19.68 5.41
N ALA B 309 -29.25 18.44 5.89
CA ALA B 309 -30.43 17.66 5.58
C ALA B 309 -31.68 18.18 6.28
N GLY B 310 -31.53 19.01 7.32
CA GLY B 310 -32.69 19.59 7.97
C GLY B 310 -33.33 18.68 8.99
N LYS B 311 -34.47 19.14 9.50
CA LYS B 311 -35.10 18.51 10.65
C LYS B 311 -35.96 17.31 10.28
N ASP B 312 -36.38 17.19 9.02
CA ASP B 312 -37.30 16.12 8.63
C ASP B 312 -36.52 14.85 8.30
N PHE B 313 -36.77 13.77 9.03
CA PHE B 313 -36.10 12.51 8.75
C PHE B 313 -37.03 11.32 8.95
N HIS B 314 -36.86 10.31 8.10
CA HIS B 314 -37.44 8.98 8.30
C HIS B 314 -36.46 7.97 7.72
N VAL B 315 -36.49 6.74 8.26
CA VAL B 315 -35.65 5.69 7.69
C VAL B 315 -36.09 5.42 6.27
N GLY B 316 -35.12 5.43 5.36
CA GLY B 316 -35.38 5.42 3.94
C GLY B 316 -35.15 6.75 3.28
N LYS B 317 -35.02 7.85 4.03
CA LYS B 317 -34.78 9.13 3.37
C LYS B 317 -33.34 9.21 2.87
N TYR B 318 -32.37 8.96 3.75
CA TYR B 318 -30.95 8.83 3.43
C TYR B 318 -30.33 8.03 4.56
N GLU B 319 -29.07 7.65 4.39
CA GLU B 319 -28.31 7.03 5.48
C GLU B 319 -26.86 7.46 5.37
N PHE B 320 -26.12 7.20 6.44
CA PHE B 320 -24.66 7.27 6.42
C PHE B 320 -24.09 5.87 6.22
N GLN B 321 -22.81 5.81 5.86
CA GLN B 321 -22.12 4.54 5.75
C GLN B 321 -20.70 4.66 6.27
N CYS B 322 -20.14 3.53 6.72
CA CYS B 322 -18.75 3.51 7.17
C CYS B 322 -18.14 2.17 6.84
N LEU B 323 -16.81 2.09 6.90
CA LEU B 323 -16.09 0.83 6.71
C LEU B 323 -15.95 0.09 8.03
N HIS B 324 -16.12 -1.23 7.99
CA HIS B 324 -15.87 -2.08 9.15
C HIS B 324 -14.46 -1.85 9.67
N GLY B 325 -14.33 -1.71 10.99
CA GLY B 325 -13.01 -1.51 11.59
C GLY B 325 -12.50 -0.08 11.57
N MET B 326 -13.25 0.84 10.97
CA MET B 326 -12.90 2.27 10.96
C MET B 326 -13.99 3.15 11.54
N GLY B 327 -15.24 2.90 11.20
CA GLY B 327 -16.28 3.88 11.47
C GLY B 327 -17.14 3.65 12.68
N GLU B 328 -17.08 2.46 13.28
CA GLU B 328 -17.99 2.16 14.38
C GLU B 328 -17.87 3.14 15.55
N PRO B 329 -16.68 3.54 16.01
CA PRO B 329 -16.63 4.51 17.12
C PRO B 329 -17.35 5.81 16.83
N LEU B 330 -17.20 6.34 15.63
CA LEU B 330 -17.89 7.58 15.29
C LEU B 330 -19.39 7.36 15.20
N TYR B 331 -19.80 6.29 14.53
CA TYR B 331 -21.23 6.10 14.29
C TYR B 331 -21.96 5.59 15.52
N GLU B 332 -21.26 5.08 16.52
CA GLU B 332 -21.90 4.83 17.81
C GLU B 332 -22.37 6.12 18.47
N GLU B 333 -21.90 7.28 18.01
CA GLU B 333 -22.39 8.57 18.47
C GLU B 333 -23.43 9.17 17.53
N VAL B 334 -23.91 8.39 16.55
CA VAL B 334 -24.81 8.86 15.51
C VAL B 334 -26.11 8.06 15.50
N VAL B 335 -26.00 6.72 15.45
CA VAL B 335 -27.15 5.85 15.38
C VAL B 335 -27.87 5.84 16.72
N GLY B 336 -29.19 5.92 16.67
CA GLY B 336 -29.85 5.77 17.95
C GLY B 336 -30.50 7.06 18.42
N ARG B 337 -31.61 6.91 19.16
CA ARG B 337 -32.47 8.04 19.50
C ARG B 337 -31.72 9.10 20.29
N GLY B 338 -30.90 8.68 21.25
CA GLY B 338 -30.21 9.64 22.09
C GLY B 338 -28.99 10.28 21.47
N LYS B 339 -28.65 9.88 20.24
CA LYS B 339 -27.49 10.42 19.56
C LYS B 339 -27.93 11.40 18.48
N LEU B 340 -27.72 11.08 17.21
CA LEU B 340 -28.23 11.88 16.11
C LEU B 340 -29.46 11.26 15.46
N ASP B 341 -29.80 10.03 15.84
CA ASP B 341 -30.99 9.34 15.32
C ASP B 341 -30.91 9.18 13.81
N ARG B 342 -29.73 8.80 13.31
CA ARG B 342 -29.55 8.56 11.88
C ARG B 342 -28.90 7.20 11.67
N PRO B 343 -29.32 6.46 10.65
CA PRO B 343 -28.81 5.11 10.45
C PRO B 343 -27.47 5.11 9.73
N CYS B 344 -26.74 4.00 9.94
CA CYS B 344 -25.45 3.81 9.29
C CYS B 344 -25.32 2.38 8.81
N ARG B 345 -24.89 2.21 7.56
CA ARG B 345 -24.63 0.90 6.99
C ARG B 345 -23.12 0.66 6.99
N ILE B 346 -22.72 -0.49 7.53
CA ILE B 346 -21.32 -0.89 7.63
C ILE B 346 -20.95 -1.71 6.40
N TYR B 347 -19.91 -1.26 5.70
CA TYR B 347 -19.36 -2.01 4.58
C TYR B 347 -18.44 -3.07 5.16
N ALA B 348 -18.75 -4.33 4.87
CA ALA B 348 -18.21 -5.46 5.63
C ALA B 348 -17.48 -6.41 4.70
N PRO B 349 -16.15 -6.33 4.62
CA PRO B 349 -15.40 -7.27 3.77
C PRO B 349 -15.44 -8.69 4.33
N VAL B 350 -15.45 -9.64 3.40
CA VAL B 350 -15.53 -11.06 3.70
C VAL B 350 -14.46 -11.76 2.87
N GLY B 351 -13.56 -12.49 3.53
CA GLY B 351 -12.56 -13.24 2.77
C GLY B 351 -11.36 -13.55 3.64
N THR B 352 -10.24 -13.86 2.95
CA THR B 352 -9.00 -14.27 3.60
C THR B 352 -7.80 -13.51 3.03
N HIS B 353 -6.59 -13.89 3.44
CA HIS B 353 -5.39 -13.24 2.94
C HIS B 353 -5.28 -13.36 1.42
N GLU B 354 -5.83 -14.42 0.84
CA GLU B 354 -5.74 -14.60 -0.61
C GLU B 354 -6.45 -13.50 -1.38
N THR B 355 -7.36 -12.77 -0.73
CA THR B 355 -8.12 -11.72 -1.38
C THR B 355 -8.08 -10.38 -0.64
N LEU B 356 -7.26 -10.24 0.40
CA LEU B 356 -7.31 -9.06 1.26
C LEU B 356 -6.34 -7.94 0.84
N LEU B 357 -5.34 -8.25 0.01
CA LEU B 357 -4.19 -7.37 -0.15
C LEU B 357 -4.57 -6.02 -0.75
N ALA B 358 -5.24 -6.03 -1.90
CA ALA B 358 -5.55 -4.78 -2.59
C ALA B 358 -6.36 -3.86 -1.71
N TYR B 359 -7.34 -4.41 -1.00
CA TYR B 359 -8.18 -3.60 -0.11
C TYR B 359 -7.37 -3.04 1.06
N LEU B 360 -6.53 -3.87 1.66
CA LEU B 360 -5.74 -3.43 2.80
C LEU B 360 -4.77 -2.31 2.40
N VAL B 361 -4.18 -2.40 1.21
CA VAL B 361 -3.30 -1.33 0.75
C VAL B 361 -4.07 -0.02 0.69
N ARG B 362 -5.30 -0.06 0.16
CA ARG B 362 -6.09 1.16 0.11
C ARG B 362 -6.42 1.67 1.51
N ARG B 363 -6.64 0.76 2.47
CA ARG B 363 -6.89 1.19 3.85
C ARG B 363 -5.64 1.80 4.47
N LEU B 364 -4.46 1.27 4.17
CA LEU B 364 -3.24 1.89 4.70
C LEU B 364 -3.02 3.26 4.12
N LEU B 365 -3.26 3.42 2.81
CA LEU B 365 -3.09 4.73 2.21
C LEU B 365 -4.09 5.72 2.78
N GLU B 366 -5.28 5.24 3.16
CA GLU B 366 -6.28 6.08 3.78
C GLU B 366 -5.91 6.42 5.22
N ASN B 367 -5.56 5.40 6.01
CA ASN B 367 -5.30 5.61 7.43
C ASN B 367 -3.96 6.27 7.68
N GLY B 368 -2.99 6.08 6.78
CA GLY B 368 -1.65 6.57 7.01
C GLY B 368 -1.37 7.94 6.45
N ALA B 369 -2.26 8.49 5.64
CA ALA B 369 -2.02 9.77 5.01
C ALA B 369 -2.19 10.91 6.01
N ASN B 370 -1.25 11.86 5.97
CA ASN B 370 -1.32 12.99 6.88
C ASN B 370 -2.56 13.84 6.67
N SER B 371 -3.12 13.82 5.46
CA SER B 371 -4.30 14.60 5.11
C SER B 371 -5.61 13.96 5.56
N SER B 372 -5.59 12.72 6.04
CA SER B 372 -6.84 12.03 6.36
C SER B 372 -7.34 12.41 7.74
N PHE B 373 -8.65 12.61 7.85
CA PHE B 373 -9.28 12.85 9.14
C PHE B 373 -8.89 11.79 10.17
N VAL B 374 -8.93 10.51 9.78
CA VAL B 374 -8.64 9.44 10.75
C VAL B 374 -7.21 9.46 11.23
N HIS B 375 -6.30 10.07 10.46
CA HIS B 375 -4.94 10.28 10.92
C HIS B 375 -4.84 11.54 11.76
N ARG B 376 -5.50 12.61 11.32
CA ARG B 376 -5.39 13.90 11.99
C ARG B 376 -5.99 13.86 13.38
N ILE B 377 -7.05 13.06 13.59
CA ILE B 377 -7.63 12.97 14.91
C ILE B 377 -6.65 12.42 15.94
N ASN B 378 -5.62 11.68 15.51
CA ASN B 378 -4.59 11.15 16.39
C ASN B 378 -3.28 11.94 16.30
N ASP B 379 -3.29 13.09 15.64
CA ASP B 379 -2.10 13.89 15.44
C ASP B 379 -2.07 14.97 16.51
N PRO B 380 -1.09 14.96 17.42
CA PRO B 380 -1.08 15.97 18.49
C PRO B 380 -0.95 17.40 17.98
N LYS B 381 -0.50 17.60 16.75
CA LYS B 381 -0.37 18.94 16.21
C LYS B 381 -1.69 19.54 15.72
N VAL B 382 -2.75 18.74 15.62
CA VAL B 382 -4.00 19.16 15.00
C VAL B 382 -5.02 19.46 16.11
N SER B 383 -5.40 20.73 16.22
CA SER B 383 -6.35 21.14 17.24
C SER B 383 -7.76 20.69 16.89
N ILE B 384 -8.63 20.65 17.89
CA ILE B 384 -10.03 20.35 17.63
C ILE B 384 -10.65 21.43 16.76
N ASP B 385 -10.20 22.68 16.93
CA ASP B 385 -10.65 23.77 16.07
C ASP B 385 -10.44 23.44 14.60
N GLU B 386 -9.25 22.91 14.28
CA GLU B 386 -8.95 22.57 12.90
C GLU B 386 -9.79 21.40 12.41
N LEU B 387 -10.03 20.41 13.28
CA LEU B 387 -10.83 19.26 12.88
C LEU B 387 -12.27 19.63 12.57
N ILE B 388 -12.81 20.66 13.25
CA ILE B 388 -14.21 21.04 13.05
C ILE B 388 -14.38 22.18 12.05
N ALA B 389 -13.29 22.75 11.55
CA ALA B 389 -13.41 23.87 10.61
C ALA B 389 -14.06 23.41 9.31
N ASP B 390 -14.91 24.27 8.76
CA ASP B 390 -15.54 23.99 7.48
C ASP B 390 -14.53 24.22 6.37
N PRO B 391 -14.15 23.19 5.60
CA PRO B 391 -13.19 23.42 4.51
C PRO B 391 -13.69 24.34 3.43
N VAL B 392 -15.01 24.49 3.28
CA VAL B 392 -15.55 25.38 2.25
C VAL B 392 -15.13 26.82 2.52
N GLU B 393 -14.99 27.20 3.79
CA GLU B 393 -14.56 28.55 4.13
C GLU B 393 -13.10 28.83 3.78
N VAL B 394 -12.29 27.78 3.64
CA VAL B 394 -10.89 27.96 3.26
C VAL B 394 -10.76 28.40 1.81
N VAL B 395 -11.66 27.96 0.93
CA VAL B 395 -11.58 28.27 -0.50
C VAL B 395 -12.66 29.22 -0.96
N ARG B 396 -13.59 29.59 -0.09
CA ARG B 396 -14.69 30.48 -0.43
C ARG B 396 -14.17 31.85 -0.85
#